data_4AS1
#
_entry.id   4AS1
#
_cell.length_a   89.680
_cell.length_b   77.110
_cell.length_c   91.140
_cell.angle_alpha   90.00
_cell.angle_beta   102.24
_cell.angle_gamma   90.00
#
_symmetry.space_group_name_H-M   'P 1 21 1'
#
loop_
_entity.id
_entity.type
_entity.pdbx_description
1 polymer 'LEUCINE--TRNA LIGASE'
2 polymer 'TRNA-LEU5 (UAA ISOACEPTOR)'
3 non-polymer 'MAGNESIUM ION'
4 water water
#
loop_
_entity_poly.entity_id
_entity_poly.type
_entity_poly.pdbx_seq_one_letter_code
_entity_poly.pdbx_strand_id
1 'polypeptide(L)'
;MGSSHHHHHHSSGLVPRGSHMQEQYRPEEIESKVQLHWDEKRTFEVTEDESKEKYYCLSMLPYPSGRLHMGHVRNYTIGD
VIARYQRMLGKNVLQPIGWDAFGLPAEGAAVKNNTAPAPWTYDNIAYMKNQLKMLGFGYDWSRELATCTPEYYRWEQKFF
TELYKKGLVYKKTSAVNWCPNDQTVLANEQVIDGCCWRCDTKVERKEIPQWFIKITAYADELLNDLDKLDHWPDTVKTMQ
RNWIGRSEGVEITFNVNDYDNTLTVYTTRPDTFMGCTYLAVAAGHPLAQKAAENNPELAAFIDECRNTKVAEAEMATMEK
KGVDTGFKAVHPLTGEEIPVWAANFVLMEYGTGAVMAVPGHDQRDYEFASKYGLNIKPVILAADGSEPDLSQQALTEKGV
LFNSGEFNGLDHEAAFNAIADKLTAMGVGERKVNYRLRDWGVSRQRYWGAPIPMVTLEDGTVMPTPDDQLPVILPEDVVM
DGITSPIKADPEWAKTTVNGMPALRETDTFDTFMESSWYYARYTCPQYKEGMLDSEAANYWLPVDIYIGGIEHAIMHLLY
FRFFHKLMRDAGMVNSDEPAKQLLCQGMVLADAFYYVGENGERNWVSPVDAIVERDEKGRIVKAKDAAGHELVYTGMSKM
SKSKNNGIDPQVMVERYGADTVRLFMMFASPADMTLEWQESGVEGANRFLKRVWKLVYEHTAKGDVAALNVDALTENQKA
LRRDVHKTIAKVTDDIGRRQTFNTAIAAIMELMNKLAKAPTDGEQDRALMQEALLAVVRMLNPFTPHICFTLWQELKGEG
DIDNAPWPVADEKAMVEDSTLVVVQVNGKVRAKITVPVDATEEQVRERAGQEHLVAKYLDGVTVRKVIYVPGKLLNLVVG
;
A
2 'polyribonucleotide'
;GCCCGGAUGGUGGAAUCGGUAGACACAAGGGAUUUAAAAUCCCUCGGCGUUCGCGCUGUGCGGGUUCAAGUCCCGCUCCG
GGUACC(N79)
;
B
#
# COMPACT_ATOMS: atom_id res chain seq x y z
N MET A 21 26.85 -36.17 3.79
CA MET A 21 25.49 -35.55 3.68
C MET A 21 24.50 -36.44 4.41
N GLN A 22 23.74 -35.87 5.35
CA GLN A 22 22.64 -36.57 6.02
C GLN A 22 21.60 -37.00 4.99
N GLU A 23 21.01 -38.17 5.16
CA GLU A 23 19.99 -38.62 4.23
C GLU A 23 18.70 -37.80 4.39
N GLN A 24 18.38 -37.47 5.62
CA GLN A 24 17.15 -36.77 5.88
C GLN A 24 17.33 -35.27 5.99
N TYR A 25 16.46 -34.58 5.31
CA TYR A 25 16.36 -33.16 5.42
C TYR A 25 15.72 -32.73 6.76
N ARG A 26 16.41 -31.93 7.55
CA ARG A 26 15.91 -31.57 8.87
C ARG A 26 16.15 -30.10 9.11
N PRO A 27 15.13 -29.28 8.88
CA PRO A 27 15.34 -27.86 8.97
C PRO A 27 15.78 -27.40 10.35
N GLU A 28 15.32 -28.09 11.40
CA GLU A 28 15.75 -27.78 12.77
C GLU A 28 17.28 -27.87 12.92
N GLU A 29 17.95 -28.64 12.06
CA GLU A 29 19.40 -28.78 12.07
C GLU A 29 20.11 -27.87 11.07
N ILE A 30 19.38 -27.15 10.22
CA ILE A 30 20.00 -26.34 9.17
C ILE A 30 19.78 -24.83 9.38
N GLU A 31 18.56 -24.44 9.69
CA GLU A 31 18.19 -23.05 9.54
C GLU A 31 18.90 -22.13 10.52
N SER A 32 18.99 -22.51 11.79
CA SER A 32 19.57 -21.55 12.71
C SER A 32 21.07 -21.46 12.56
N LYS A 33 21.71 -22.50 12.06
CA LYS A 33 23.16 -22.42 11.80
C LYS A 33 23.41 -21.48 10.65
N VAL A 34 22.62 -21.58 9.59
CA VAL A 34 22.80 -20.68 8.42
C VAL A 34 22.52 -19.22 8.81
N GLN A 35 21.47 -18.99 9.56
CA GLN A 35 21.17 -17.65 10.07
C GLN A 35 22.32 -17.03 10.87
N LEU A 36 22.89 -17.79 11.82
CA LEU A 36 24.03 -17.34 12.59
C LEU A 36 25.19 -16.95 11.66
N HIS A 37 25.41 -17.76 10.61
CA HIS A 37 26.41 -17.48 9.62
C HIS A 37 26.17 -16.13 8.93
N TRP A 38 24.93 -15.81 8.55
CA TRP A 38 24.63 -14.54 7.90
C TRP A 38 24.93 -13.37 8.83
N ASP A 39 24.71 -13.57 10.14
CA ASP A 39 25.05 -12.58 11.17
C ASP A 39 26.59 -12.47 11.34
N GLU A 40 27.27 -13.61 11.46
CA GLU A 40 28.74 -13.62 11.70
C GLU A 40 29.50 -13.01 10.52
N LYS A 41 29.01 -13.26 9.29
CA LYS A 41 29.74 -12.76 8.10
C LYS A 41 29.19 -11.42 7.63
N ARG A 42 28.20 -10.90 8.35
CA ARG A 42 27.53 -9.68 7.93
C ARG A 42 27.14 -9.72 6.43
N THR A 43 26.61 -10.85 5.97
CA THR A 43 26.40 -11.13 4.54
C THR A 43 25.54 -10.08 3.80
N PHE A 44 24.52 -9.58 4.47
CA PHE A 44 23.61 -8.63 3.86
C PHE A 44 23.83 -7.20 4.23
N GLU A 45 25.01 -6.89 4.80
CA GLU A 45 25.35 -5.50 5.14
C GLU A 45 26.01 -4.85 3.93
N VAL A 46 25.55 -3.63 3.63
CA VAL A 46 26.00 -2.94 2.45
C VAL A 46 26.40 -1.52 2.68
N THR A 47 27.21 -1.02 1.76
CA THR A 47 27.62 0.34 1.77
C THR A 47 27.29 1.04 0.40
N GLU A 48 27.54 2.33 0.31
CA GLU A 48 27.30 3.12 -0.91
C GLU A 48 28.43 2.93 -1.99
N ASP A 49 28.45 1.78 -2.62
CA ASP A 49 29.55 1.35 -3.50
C ASP A 49 29.24 1.74 -4.95
N GLU A 50 30.00 2.73 -5.39
CA GLU A 50 29.89 3.28 -6.75
C GLU A 50 30.35 2.34 -7.86
N SER A 51 30.98 1.21 -7.54
CA SER A 51 31.41 0.30 -8.58
C SER A 51 30.30 -0.69 -8.96
N LYS A 52 29.16 -0.63 -8.27
CA LYS A 52 28.06 -1.55 -8.53
C LYS A 52 26.79 -0.82 -8.78
N GLU A 53 25.92 -1.42 -9.57
CA GLU A 53 24.55 -0.90 -9.74
C GLU A 53 23.76 -1.21 -8.45
N LYS A 54 23.12 -0.19 -7.88
CA LYS A 54 22.34 -0.30 -6.62
C LYS A 54 20.95 -0.89 -6.85
N TYR A 55 20.38 -1.56 -5.85
CA TYR A 55 18.97 -1.91 -5.85
C TYR A 55 18.46 -1.79 -4.44
N TYR A 56 17.41 -0.97 -4.27
CA TYR A 56 16.80 -0.70 -2.94
C TYR A 56 15.45 -1.41 -2.96
N CYS A 57 15.39 -2.52 -2.19
CA CYS A 57 14.19 -3.29 -2.02
C CYS A 57 13.58 -3.10 -0.63
N LEU A 58 12.40 -2.48 -0.57
CA LEU A 58 11.84 -2.04 0.72
C LEU A 58 10.45 -2.68 1.00
N SER A 59 10.32 -3.23 2.18
CA SER A 59 9.03 -3.71 2.68
C SER A 59 8.52 -2.79 3.80
N MET A 60 7.19 -2.61 3.83
CA MET A 60 6.66 -1.71 4.83
C MET A 60 7.03 -2.18 6.27
N LEU A 61 7.65 -1.30 7.02
CA LEU A 61 8.17 -1.66 8.37
C LEU A 61 7.06 -2.14 9.33
N PRO A 62 7.36 -3.13 10.17
CA PRO A 62 6.29 -3.65 11.04
C PRO A 62 6.02 -2.71 12.24
N TYR A 63 4.80 -2.69 12.75
CA TYR A 63 4.49 -2.21 14.11
C TYR A 63 4.78 -3.33 15.10
N PRO A 64 5.49 -3.03 16.20
CA PRO A 64 5.88 -4.09 17.13
C PRO A 64 4.73 -4.51 18.07
N SER A 65 3.78 -5.26 17.54
CA SER A 65 2.56 -5.63 18.25
C SER A 65 2.83 -6.75 19.26
N GLY A 66 3.83 -7.58 19.00
CA GLY A 66 4.17 -8.65 19.94
C GLY A 66 4.58 -9.88 19.19
N ARG A 67 3.85 -10.14 18.09
CA ARG A 67 4.21 -11.24 17.23
C ARG A 67 3.86 -11.04 15.76
N LEU A 68 4.65 -11.66 14.92
CA LEU A 68 4.42 -11.58 13.48
C LEU A 68 3.10 -12.23 13.15
N HIS A 69 2.43 -11.67 12.16
CA HIS A 69 1.22 -12.24 11.59
CA HIS A 69 1.25 -12.31 11.60
C HIS A 69 1.53 -12.77 10.18
N MET A 70 0.64 -13.55 9.62
CA MET A 70 0.89 -14.15 8.29
C MET A 70 1.07 -13.11 7.15
N GLY A 71 0.41 -11.96 7.27
CA GLY A 71 0.66 -10.84 6.37
C GLY A 71 2.07 -10.29 6.36
N HIS A 72 2.70 -10.18 7.53
CA HIS A 72 4.14 -9.90 7.58
C HIS A 72 4.92 -10.95 6.84
N VAL A 73 4.65 -12.19 7.12
CA VAL A 73 5.39 -13.28 6.48
C VAL A 73 5.33 -13.20 4.93
N ARG A 74 4.14 -12.98 4.39
CA ARG A 74 3.95 -12.82 2.95
C ARG A 74 4.70 -11.60 2.41
N ASN A 75 4.49 -10.42 3.03
CA ASN A 75 5.11 -9.18 2.61
C ASN A 75 6.62 -9.28 2.58
N TYR A 76 7.18 -9.81 3.66
CA TYR A 76 8.60 -9.87 3.83
C TYR A 76 9.25 -11.04 3.02
N THR A 77 8.51 -12.11 2.75
CA THR A 77 9.05 -13.18 1.86
C THR A 77 9.16 -12.66 0.40
N ILE A 78 8.13 -11.97 -0.08
CA ILE A 78 8.20 -11.35 -1.41
C ILE A 78 9.41 -10.42 -1.51
N GLY A 79 9.57 -9.49 -0.57
CA GLY A 79 10.78 -8.65 -0.58
C GLY A 79 12.12 -9.35 -0.49
N ASP A 80 12.20 -10.39 0.33
CA ASP A 80 13.43 -11.17 0.45
C ASP A 80 13.74 -11.95 -0.80
N VAL A 81 12.71 -12.49 -1.47
CA VAL A 81 12.91 -13.15 -2.79
C VAL A 81 13.59 -12.22 -3.80
N ILE A 82 13.06 -11.01 -3.90
CA ILE A 82 13.60 -10.03 -4.83
C ILE A 82 15.02 -9.56 -4.43
N ALA A 83 15.23 -9.28 -3.15
CA ALA A 83 16.53 -8.85 -2.64
C ALA A 83 17.61 -9.88 -2.93
N ARG A 84 17.37 -11.11 -2.56
CA ARG A 84 18.31 -12.19 -2.85
C ARG A 84 18.55 -12.36 -4.35
N TYR A 85 17.51 -12.32 -5.17
CA TYR A 85 17.68 -12.54 -6.63
C TYR A 85 18.53 -11.41 -7.25
N GLN A 86 18.21 -10.17 -6.91
CA GLN A 86 18.96 -9.03 -7.40
C GLN A 86 20.42 -9.04 -6.97
N ARG A 87 20.72 -9.52 -5.76
CA ARG A 87 22.13 -9.75 -5.33
C ARG A 87 22.79 -10.80 -6.21
N MET A 88 22.09 -11.90 -6.50
CA MET A 88 22.70 -12.93 -7.40
C MET A 88 22.92 -12.40 -8.80
N LEU A 89 22.20 -11.34 -9.22
CA LEU A 89 22.44 -10.75 -10.57
C LEU A 89 23.64 -9.76 -10.54
N GLY A 90 24.16 -9.47 -9.35
CA GLY A 90 25.41 -8.69 -9.20
C GLY A 90 25.19 -7.28 -8.73
N LYS A 91 23.99 -6.98 -8.27
CA LYS A 91 23.69 -5.66 -7.82
C LYS A 91 24.03 -5.52 -6.36
N ASN A 92 24.16 -4.28 -5.91
CA ASN A 92 24.39 -3.91 -4.53
C ASN A 92 23.05 -3.64 -3.88
N VAL A 93 22.58 -4.58 -3.07
CA VAL A 93 21.18 -4.54 -2.62
C VAL A 93 21.03 -4.07 -1.20
N LEU A 94 20.26 -2.99 -1.00
CA LEU A 94 19.79 -2.54 0.29
C LEU A 94 18.40 -3.17 0.64
N GLN A 95 18.33 -3.99 1.70
CA GLN A 95 17.04 -4.47 2.22
C GLN A 95 17.00 -4.17 3.72
N PRO A 96 16.35 -3.09 4.13
CA PRO A 96 16.38 -2.66 5.53
C PRO A 96 15.10 -3.05 6.31
N ILE A 97 15.27 -3.13 7.63
CA ILE A 97 14.23 -3.49 8.57
C ILE A 97 14.25 -2.52 9.74
N GLY A 98 13.11 -2.31 10.36
CA GLY A 98 13.05 -1.36 11.48
C GLY A 98 11.68 -1.45 12.09
N TRP A 99 11.37 -0.60 13.08
CA TRP A 99 10.17 -0.70 13.89
C TRP A 99 9.48 0.62 13.98
N ASP A 100 8.22 0.65 13.50
CA ASP A 100 7.36 1.78 13.64
C ASP A 100 6.74 1.64 15.03
N ALA A 101 7.38 2.28 15.99
CA ALA A 101 7.32 1.81 17.39
C ALA A 101 6.46 2.65 18.33
N PHE A 102 6.15 3.90 17.96
CA PHE A 102 5.18 4.70 18.73
C PHE A 102 3.76 4.23 18.37
N GLY A 103 2.76 4.74 19.10
CA GLY A 103 1.35 4.52 18.73
C GLY A 103 0.48 3.93 19.85
N LEU A 104 -0.81 3.82 19.56
CA LEU A 104 -1.87 3.63 20.59
C LEU A 104 -1.85 2.28 21.33
N PRO A 105 -1.71 1.13 20.62
CA PRO A 105 -1.77 -0.14 21.32
C PRO A 105 -0.86 -0.23 22.58
N ALA A 106 0.31 0.42 22.60
CA ALA A 106 1.22 0.27 23.74
C ALA A 106 0.68 0.90 25.02
N GLU A 107 -0.17 1.93 24.89
CA GLU A 107 -0.71 2.57 26.10
C GLU A 107 -1.79 1.67 26.72
N GLY A 108 -2.57 1.00 25.87
CA GLY A 108 -3.55 0.04 26.35
C GLY A 108 -2.89 -1.19 27.00
N ALA A 109 -1.84 -1.73 26.38
CA ALA A 109 -1.09 -2.83 26.99
C ALA A 109 -0.38 -2.39 28.29
N ALA A 110 0.15 -1.17 28.35
CA ALA A 110 0.78 -0.71 29.57
C ALA A 110 -0.24 -0.70 30.69
N VAL A 111 -1.43 -0.15 30.41
CA VAL A 111 -2.46 -0.05 31.46
C VAL A 111 -2.90 -1.46 31.90
N LYS A 112 -3.33 -2.31 30.97
CA LYS A 112 -3.73 -3.70 31.26
C LYS A 112 -2.71 -4.49 32.06
N ASN A 113 -1.46 -4.55 31.59
CA ASN A 113 -0.40 -5.13 32.41
C ASN A 113 -0.14 -4.06 33.45
N ASN A 114 0.99 -4.06 34.12
CA ASN A 114 1.21 -2.87 34.94
C ASN A 114 2.61 -2.34 34.68
N THR A 115 2.76 -1.82 33.47
CA THR A 115 4.04 -1.43 33.00
C THR A 115 3.95 -0.09 32.23
N ALA A 116 4.88 0.17 31.34
CA ALA A 116 4.87 1.42 30.62
C ALA A 116 5.00 1.15 29.15
N PRO A 117 4.55 2.08 28.32
CA PRO A 117 4.66 1.81 26.90
C PRO A 117 6.08 1.46 26.39
N ALA A 118 7.13 2.14 26.89
CA ALA A 118 8.50 1.94 26.41
C ALA A 118 9.01 0.51 26.61
N PRO A 119 9.02 0.02 27.85
CA PRO A 119 9.55 -1.33 28.06
C PRO A 119 8.74 -2.41 27.37
N TRP A 120 7.41 -2.24 27.33
CA TRP A 120 6.59 -3.16 26.55
C TRP A 120 6.97 -3.18 25.10
N THR A 121 7.15 -2.00 24.51
CA THR A 121 7.55 -1.89 23.10
C THR A 121 8.92 -2.55 22.82
N TYR A 122 9.91 -2.22 23.63
CA TYR A 122 11.28 -2.83 23.43
C TYR A 122 11.31 -4.35 23.60
N ASP A 123 10.54 -4.88 24.56
CA ASP A 123 10.34 -6.33 24.67
C ASP A 123 9.72 -6.90 23.40
N ASN A 124 8.73 -6.22 22.84
CA ASN A 124 8.12 -6.75 21.60
C ASN A 124 9.12 -6.73 20.43
N ILE A 125 9.91 -5.67 20.34
CA ILE A 125 10.91 -5.53 19.26
C ILE A 125 11.84 -6.73 19.30
N ALA A 126 12.38 -7.00 20.49
CA ALA A 126 13.28 -8.15 20.67
C ALA A 126 12.66 -9.51 20.21
N TYR A 127 11.40 -9.76 20.56
CA TYR A 127 10.76 -11.01 20.24
C TYR A 127 10.53 -11.09 18.71
N MET A 128 9.98 -10.02 18.13
CA MET A 128 9.69 -10.02 16.69
C MET A 128 10.96 -10.05 15.83
N LYS A 129 12.02 -9.38 16.29
CA LYS A 129 13.34 -9.47 15.66
C LYS A 129 13.84 -10.90 15.57
N ASN A 130 13.75 -11.66 16.65
CA ASN A 130 14.10 -13.08 16.64
C ASN A 130 13.21 -13.86 15.63
N GLN A 131 11.94 -13.50 15.53
CA GLN A 131 11.09 -14.18 14.54
C GLN A 131 11.49 -13.92 13.10
N LEU A 132 11.86 -12.69 12.80
CA LEU A 132 12.27 -12.32 11.46
C LEU A 132 13.60 -13.03 11.15
N LYS A 133 14.56 -13.09 12.09
CA LYS A 133 15.76 -13.92 11.86
C LYS A 133 15.43 -15.40 11.61
N MET A 134 14.45 -15.93 12.33
CA MET A 134 14.10 -17.32 12.21
C MET A 134 13.42 -17.60 10.84
N LEU A 135 12.94 -16.56 10.16
CA LEU A 135 12.42 -16.71 8.79
C LEU A 135 13.52 -16.58 7.72
N GLY A 136 14.69 -16.14 8.16
CA GLY A 136 15.82 -16.00 7.27
C GLY A 136 15.76 -14.84 6.31
N PHE A 137 15.27 -13.68 6.75
CA PHE A 137 15.16 -12.57 5.85
C PHE A 137 16.55 -11.93 5.80
N GLY A 138 17.05 -11.68 4.62
CA GLY A 138 18.41 -11.08 4.49
C GLY A 138 18.44 -9.56 4.62
N TYR A 139 18.28 -9.07 5.85
CA TYR A 139 18.33 -7.65 6.13
C TYR A 139 19.75 -7.14 6.39
N ASP A 140 20.00 -5.88 6.06
CA ASP A 140 21.18 -5.18 6.56
C ASP A 140 20.84 -4.74 7.98
N TRP A 141 21.16 -5.60 8.96
CA TRP A 141 20.83 -5.32 10.36
C TRP A 141 21.59 -4.14 10.95
N SER A 142 22.74 -3.76 10.38
CA SER A 142 23.43 -2.51 10.76
C SER A 142 22.57 -1.27 10.63
N ARG A 143 21.58 -1.30 9.74
CA ARG A 143 20.73 -0.15 9.49
C ARG A 143 19.39 -0.23 10.26
N GLU A 144 19.18 -1.25 11.09
CA GLU A 144 18.02 -1.32 11.94
C GLU A 144 17.71 0.00 12.72
N LEU A 145 16.46 0.44 12.64
CA LEU A 145 15.96 1.66 13.33
C LEU A 145 14.69 1.35 14.12
N ALA A 146 14.54 1.94 15.31
CA ALA A 146 13.27 1.94 16.02
C ALA A 146 12.88 3.41 16.14
N THR A 147 11.69 3.73 15.66
CA THR A 147 11.33 5.10 15.46
C THR A 147 10.95 5.79 16.79
N CYS A 148 10.83 5.03 17.88
CA CYS A 148 10.59 5.65 19.22
C CYS A 148 11.82 6.09 19.97
N THR A 149 13.00 5.93 19.38
CA THR A 149 14.25 6.34 20.06
C THR A 149 14.54 7.77 19.69
N PRO A 150 15.08 8.57 20.64
CA PRO A 150 15.35 9.95 20.26
C PRO A 150 16.38 10.11 19.11
N GLU A 151 17.28 9.15 18.94
CA GLU A 151 18.19 9.18 17.78
C GLU A 151 17.43 9.22 16.42
N TYR A 152 16.20 8.72 16.39
CA TYR A 152 15.33 8.84 15.23
C TYR A 152 14.51 10.13 15.27
N TYR A 153 13.65 10.26 16.32
CA TYR A 153 12.61 11.29 16.24
C TYR A 153 13.16 12.69 16.34
N ARG A 154 14.38 12.83 16.86
CA ARG A 154 14.97 14.16 16.93
C ARG A 154 14.97 14.86 15.58
N TRP A 155 15.09 14.12 14.48
CA TRP A 155 15.24 14.79 13.17
C TRP A 155 13.92 15.22 12.64
N GLU A 156 12.86 14.50 12.95
CA GLU A 156 11.54 15.00 12.54
C GLU A 156 11.16 16.23 13.38
N GLN A 157 11.66 16.33 14.60
CA GLN A 157 11.36 17.51 15.41
C GLN A 157 12.02 18.76 14.83
N LYS A 158 13.32 18.67 14.54
CA LYS A 158 14.06 19.70 13.79
C LYS A 158 13.36 20.07 12.49
N PHE A 159 13.02 19.05 11.71
CA PHE A 159 12.35 19.25 10.44
C PHE A 159 11.04 20.03 10.60
N PHE A 160 10.26 19.70 11.63
CA PHE A 160 9.01 20.43 11.91
C PHE A 160 9.24 21.91 12.24
N THR A 161 10.33 22.21 12.94
CA THR A 161 10.71 23.62 13.20
C THR A 161 11.06 24.38 11.89
N GLU A 162 11.74 23.71 10.96
CA GLU A 162 12.09 24.35 9.69
C GLU A 162 10.80 24.58 8.92
N LEU A 163 9.93 23.57 8.83
CA LEU A 163 8.64 23.72 8.14
C LEU A 163 7.86 24.94 8.69
N TYR A 164 7.84 25.08 10.01
CA TYR A 164 7.16 26.20 10.62
C TYR A 164 7.74 27.53 10.18
N LYS A 165 9.06 27.64 10.19
CA LYS A 165 9.69 28.90 9.84
C LYS A 165 9.43 29.24 8.38
N LYS A 166 9.24 28.22 7.55
CA LYS A 166 8.88 28.44 6.15
C LYS A 166 7.40 28.69 5.89
N GLY A 167 6.58 28.90 6.91
CA GLY A 167 5.15 29.18 6.72
C GLY A 167 4.27 27.99 6.33
N LEU A 168 4.79 26.77 6.45
CA LEU A 168 4.02 25.59 6.08
C LEU A 168 3.35 24.92 7.29
N VAL A 169 3.35 25.57 8.46
CA VAL A 169 2.74 25.00 9.66
C VAL A 169 1.88 26.05 10.39
N TYR A 170 0.70 25.64 10.83
CA TYR A 170 -0.20 26.52 11.60
C TYR A 170 -1.05 25.72 12.55
N LYS A 171 -1.65 26.44 13.48
CA LYS A 171 -2.50 25.84 14.48
C LYS A 171 -3.94 26.34 14.31
N LYS A 172 -4.90 25.44 14.52
CA LYS A 172 -6.31 25.77 14.36
C LYS A 172 -7.16 24.81 15.16
N THR A 173 -8.33 25.27 15.61
CA THR A 173 -9.34 24.39 16.19
C THR A 173 -10.17 23.74 15.10
N SER A 174 -10.31 22.43 15.17
CA SER A 174 -11.06 21.67 14.17
C SER A 174 -11.78 20.53 14.83
N ALA A 175 -12.87 20.09 14.21
CA ALA A 175 -13.75 19.08 14.78
C ALA A 175 -13.18 17.70 14.51
N VAL A 176 -12.85 16.97 15.57
CA VAL A 176 -12.52 15.56 15.45
C VAL A 176 -13.75 14.76 15.87
N ASN A 177 -13.83 13.52 15.39
CA ASN A 177 -14.70 12.53 16.01
C ASN A 177 -13.97 12.02 17.26
N TRP A 178 -14.57 12.23 18.43
N GLU A 204 -18.86 10.72 19.38
CA GLU A 204 -19.13 12.14 19.67
C GLU A 204 -18.13 13.10 19.03
N ARG A 205 -18.43 14.40 19.09
CA ARG A 205 -17.73 15.43 18.34
C ARG A 205 -17.14 16.51 19.25
N LYS A 206 -15.85 16.80 19.05
CA LYS A 206 -15.12 17.81 19.84
C LYS A 206 -14.38 18.80 18.94
N GLU A 207 -14.33 20.05 19.41
CA GLU A 207 -13.54 21.11 18.80
C GLU A 207 -12.17 21.09 19.47
N ILE A 208 -11.19 20.47 18.82
CA ILE A 208 -9.89 20.27 19.45
C ILE A 208 -8.83 21.09 18.68
N PRO A 209 -7.96 21.83 19.39
CA PRO A 209 -6.88 22.50 18.68
C PRO A 209 -5.82 21.49 18.15
N GLN A 210 -5.25 21.76 16.99
CA GLN A 210 -4.34 20.82 16.34
C GLN A 210 -3.27 21.58 15.57
N TRP A 211 -2.15 20.91 15.32
CA TRP A 211 -1.13 21.42 14.42
C TRP A 211 -1.40 20.84 13.07
N PHE A 212 -1.30 21.66 12.02
CA PHE A 212 -1.48 21.20 10.65
C PHE A 212 -0.25 21.47 9.80
N ILE A 213 0.12 20.54 8.93
CA ILE A 213 1.09 20.86 7.89
C ILE A 213 0.31 21.16 6.58
N LYS A 214 0.68 22.22 5.89
CA LYS A 214 -0.05 22.62 4.70
C LYS A 214 0.22 21.69 3.49
N ILE A 215 -0.27 20.45 3.54
CA ILE A 215 -0.15 19.50 2.40
C ILE A 215 -0.86 20.03 1.18
N THR A 216 -1.87 20.88 1.34
CA THR A 216 -2.56 21.47 0.20
C THR A 216 -1.67 22.39 -0.64
N ALA A 217 -0.57 22.89 -0.07
CA ALA A 217 0.38 23.70 -0.84
C ALA A 217 1.02 22.87 -1.98
N TYR A 218 1.02 21.54 -1.83
CA TYR A 218 1.66 20.61 -2.78
C TYR A 218 0.69 19.74 -3.59
N ALA A 219 -0.62 20.03 -3.50
CA ALA A 219 -1.68 19.14 -4.05
C ALA A 219 -1.57 18.98 -5.52
N ASP A 220 -1.36 20.09 -6.22
CA ASP A 220 -1.21 20.07 -7.68
C ASP A 220 -0.12 19.10 -8.13
N GLU A 221 1.01 19.17 -7.44
CA GLU A 221 2.14 18.31 -7.77
C GLU A 221 1.93 16.88 -7.32
N LEU A 222 1.32 16.67 -6.17
CA LEU A 222 0.99 15.31 -5.79
C LEU A 222 0.07 14.68 -6.85
N LEU A 223 -0.87 15.46 -7.38
CA LEU A 223 -1.78 14.96 -8.40
C LEU A 223 -1.09 14.80 -9.75
N ASN A 224 -0.49 15.86 -10.25
CA ASN A 224 0.26 15.83 -11.49
C ASN A 224 1.28 14.69 -11.52
N ASP A 225 2.03 14.47 -10.44
CA ASP A 225 3.12 13.46 -10.51
C ASP A 225 2.68 12.01 -10.52
N LEU A 226 1.41 11.74 -10.25
CA LEU A 226 0.88 10.40 -10.51
C LEU A 226 1.11 9.92 -11.97
N ASP A 227 1.14 10.85 -12.93
CA ASP A 227 1.39 10.46 -14.34
C ASP A 227 2.83 9.99 -14.56
N LYS A 228 3.74 10.36 -13.66
CA LYS A 228 5.06 9.79 -13.64
C LYS A 228 5.07 8.37 -13.12
N LEU A 229 4.00 7.88 -12.49
CA LEU A 229 4.17 6.63 -11.72
C LEU A 229 3.71 5.42 -12.52
N ASP A 230 4.43 5.16 -13.59
CA ASP A 230 4.20 4.03 -14.50
C ASP A 230 4.18 2.70 -13.81
N HIS A 231 4.97 2.54 -12.73
CA HIS A 231 5.06 1.23 -12.06
C HIS A 231 4.36 1.19 -10.72
N TRP A 232 3.42 2.10 -10.53
CA TRP A 232 2.39 1.94 -9.50
C TRP A 232 1.11 1.48 -10.10
N PRO A 233 0.33 0.64 -9.40
CA PRO A 233 -0.94 0.16 -9.94
C PRO A 233 -2.00 1.25 -10.08
N ASP A 234 -2.74 1.11 -11.18
CA ASP A 234 -3.78 2.03 -11.54
C ASP A 234 -4.75 2.26 -10.38
N THR A 235 -5.03 1.23 -9.59
CA THR A 235 -6.02 1.32 -8.47
C THR A 235 -5.57 2.34 -7.37
N VAL A 236 -4.28 2.34 -7.07
CA VAL A 236 -3.77 3.18 -6.01
C VAL A 236 -3.70 4.60 -6.51
N LYS A 237 -3.29 4.76 -7.76
CA LYS A 237 -3.29 6.10 -8.41
C LYS A 237 -4.71 6.75 -8.46
N THR A 238 -5.72 6.00 -8.87
CA THR A 238 -7.11 6.50 -8.95
C THR A 238 -7.60 6.91 -7.55
N MET A 239 -7.23 6.10 -6.55
CA MET A 239 -7.62 6.35 -5.18
C MET A 239 -7.03 7.69 -4.71
N GLN A 240 -5.76 7.93 -5.01
CA GLN A 240 -5.08 9.20 -4.72
C GLN A 240 -5.65 10.37 -5.48
N ARG A 241 -6.00 10.17 -6.76
CA ARG A 241 -6.66 11.22 -7.56
C ARG A 241 -7.97 11.65 -6.93
N ASN A 242 -8.80 10.66 -6.59
CA ASN A 242 -10.13 10.96 -6.00
C ASN A 242 -9.99 11.56 -4.59
N TRP A 243 -8.97 11.13 -3.85
CA TRP A 243 -8.79 11.63 -2.49
C TRP A 243 -8.35 13.06 -2.53
N ILE A 244 -7.38 13.36 -3.36
CA ILE A 244 -7.00 14.75 -3.61
C ILE A 244 -8.16 15.65 -4.08
N GLY A 245 -8.99 15.17 -4.99
CA GLY A 245 -10.24 15.87 -5.34
C GLY A 245 -10.15 17.32 -5.86
N ARG A 246 -9.17 17.58 -6.70
CA ARG A 246 -8.95 18.93 -7.25
C ARG A 246 -10.24 19.45 -7.91
N SER A 247 -10.59 20.69 -7.63
CA SER A 247 -11.84 21.25 -8.10
C SER A 247 -11.60 22.70 -8.58
N GLU A 248 -12.07 23.00 -9.79
CA GLU A 248 -12.06 24.34 -10.36
C GLU A 248 -13.44 25.00 -10.29
N GLY A 249 -13.50 26.19 -9.69
CA GLY A 249 -14.76 26.85 -9.43
C GLY A 249 -14.63 28.34 -9.21
N VAL A 250 -15.72 28.93 -8.71
CA VAL A 250 -15.81 30.34 -8.46
C VAL A 250 -16.40 30.62 -7.08
N GLU A 251 -15.75 31.52 -6.33
CA GLU A 251 -16.41 32.08 -5.11
C GLU A 251 -17.29 33.24 -5.52
N ILE A 252 -18.49 33.29 -4.95
CA ILE A 252 -19.46 34.37 -5.24
C ILE A 252 -19.94 34.94 -3.91
N THR A 253 -19.86 36.27 -3.79
CA THR A 253 -20.20 36.96 -2.54
C THR A 253 -21.52 37.74 -2.64
N PHE A 254 -22.38 37.58 -1.64
CA PHE A 254 -23.75 38.10 -1.65
C PHE A 254 -23.96 39.14 -0.54
N ASN A 255 -24.67 40.21 -0.82
CA ASN A 255 -25.11 41.08 0.25
C ASN A 255 -26.21 40.32 0.96
N VAL A 256 -26.40 40.61 2.25
CA VAL A 256 -27.48 39.96 3.02
C VAL A 256 -28.18 41.00 3.87
N ASN A 257 -29.48 41.15 3.63
CA ASN A 257 -30.30 42.19 4.27
C ASN A 257 -30.35 42.02 5.78
N ASP A 258 -30.25 43.14 6.50
CA ASP A 258 -30.32 43.18 7.95
C ASP A 258 -29.30 42.21 8.58
N TYR A 259 -28.11 42.11 7.98
CA TYR A 259 -27.04 41.23 8.47
C TYR A 259 -25.62 41.83 8.24
N ASP A 260 -24.79 41.75 9.28
CA ASP A 260 -23.52 42.53 9.35
C ASP A 260 -22.45 42.17 8.31
N ASN A 261 -22.49 40.97 7.77
CA ASN A 261 -21.43 40.51 6.86
C ASN A 261 -22.02 40.10 5.54
N THR A 262 -21.19 40.05 4.53
CA THR A 262 -21.54 39.36 3.29
C THR A 262 -21.47 37.84 3.51
N LEU A 263 -21.87 37.08 2.50
CA LEU A 263 -21.84 35.62 2.54
C LEU A 263 -21.30 35.16 1.20
N THR A 264 -20.25 34.35 1.27
CA THR A 264 -19.57 33.84 0.10
C THR A 264 -19.81 32.36 -0.03
N VAL A 265 -20.10 31.95 -1.27
CA VAL A 265 -20.38 30.58 -1.59
C VAL A 265 -19.34 30.10 -2.55
N TYR A 266 -19.15 28.78 -2.60
CA TYR A 266 -18.34 28.19 -3.65
C TYR A 266 -19.19 27.34 -4.57
N THR A 267 -19.03 27.54 -5.88
CA THR A 267 -19.71 26.70 -6.87
C THR A 267 -18.80 26.17 -7.96
N THR A 268 -19.09 24.96 -8.43
CA THR A 268 -18.42 24.39 -9.60
C THR A 268 -19.23 24.60 -10.86
N ARG A 269 -20.35 25.33 -10.75
CA ARG A 269 -21.29 25.48 -11.85
C ARG A 269 -21.84 26.93 -11.86
N PRO A 270 -20.92 27.91 -12.05
CA PRO A 270 -21.39 29.29 -12.16
C PRO A 270 -22.30 29.51 -13.38
N ASP A 271 -22.23 28.60 -14.37
CA ASP A 271 -23.11 28.63 -15.55
C ASP A 271 -24.60 28.48 -15.15
N THR A 272 -24.88 27.93 -13.97
CA THR A 272 -26.28 27.73 -13.54
C THR A 272 -26.78 28.86 -12.61
N PHE A 273 -26.03 29.97 -12.56
CA PHE A 273 -26.28 31.06 -11.62
C PHE A 273 -27.67 31.70 -11.67
N MET A 274 -28.32 31.72 -12.83
CA MET A 274 -29.69 32.33 -12.89
C MET A 274 -30.80 31.35 -12.44
N GLY A 275 -30.43 30.08 -12.18
CA GLY A 275 -31.35 29.09 -11.62
C GLY A 275 -31.20 28.93 -10.13
N CYS A 276 -30.42 29.82 -9.50
CA CYS A 276 -30.23 29.80 -8.05
C CYS A 276 -31.47 30.36 -7.36
N THR A 277 -32.17 29.51 -6.60
CA THR A 277 -33.42 29.90 -5.94
C THR A 277 -33.30 30.05 -4.39
N TYR A 278 -32.13 29.67 -3.86
CA TYR A 278 -31.85 29.82 -2.44
C TYR A 278 -30.37 29.55 -2.19
N LEU A 279 -29.90 30.02 -1.06
CA LEU A 279 -28.54 29.71 -0.57
C LEU A 279 -28.69 28.76 0.63
N ALA A 280 -27.68 27.92 0.82
CA ALA A 280 -27.69 26.98 1.91
C ALA A 280 -26.35 27.08 2.60
N VAL A 281 -26.40 26.99 3.91
CA VAL A 281 -25.28 27.25 4.77
C VAL A 281 -25.09 26.05 5.72
N ALA A 282 -23.86 25.74 6.12
CA ALA A 282 -23.64 24.62 7.02
C ALA A 282 -24.27 24.94 8.37
N ALA A 283 -24.63 23.88 9.10
CA ALA A 283 -25.20 24.04 10.45
C ALA A 283 -24.32 24.94 11.37
N GLY A 284 -23.01 24.74 11.32
CA GLY A 284 -22.03 25.51 12.13
C GLY A 284 -21.62 26.87 11.56
N HIS A 285 -22.23 27.33 10.46
CA HIS A 285 -21.85 28.60 9.84
C HIS A 285 -22.23 29.78 10.73
N PRO A 286 -21.41 30.86 10.73
CA PRO A 286 -21.73 31.97 11.66
C PRO A 286 -23.06 32.70 11.36
N LEU A 287 -23.44 32.79 10.09
CA LEU A 287 -24.77 33.27 9.69
C LEU A 287 -25.91 32.49 10.37
N ALA A 288 -25.82 31.15 10.37
CA ALA A 288 -26.83 30.31 11.09
C ALA A 288 -26.73 30.49 12.60
N GLN A 289 -25.50 30.52 13.11
CA GLN A 289 -25.29 30.81 14.53
C GLN A 289 -26.14 32.04 14.95
N LYS A 290 -25.97 33.14 14.20
CA LYS A 290 -26.67 34.43 14.43
C LYS A 290 -28.22 34.33 14.39
N ALA A 291 -28.76 33.87 13.26
CA ALA A 291 -30.21 33.61 13.14
C ALA A 291 -30.76 32.76 14.32
N ALA A 292 -29.94 31.78 14.73
CA ALA A 292 -30.28 30.85 15.78
C ALA A 292 -30.58 31.51 17.15
N GLU A 293 -30.10 32.73 17.37
CA GLU A 293 -30.35 33.42 18.65
C GLU A 293 -31.83 33.77 18.83
N ASN A 294 -32.51 34.08 17.73
CA ASN A 294 -33.93 34.44 17.81
C ASN A 294 -34.85 33.28 17.43
N ASN A 295 -34.25 32.19 16.98
CA ASN A 295 -34.97 31.12 16.28
C ASN A 295 -34.69 29.76 16.95
N PRO A 296 -35.56 29.36 17.91
CA PRO A 296 -35.38 28.09 18.63
C PRO A 296 -35.49 26.84 17.74
N GLU A 297 -36.24 26.94 16.64
CA GLU A 297 -36.31 25.87 15.66
C GLU A 297 -34.88 25.63 15.15
N LEU A 298 -34.24 26.72 14.71
CA LEU A 298 -32.86 26.70 14.19
C LEU A 298 -31.85 26.24 15.24
N ALA A 299 -31.95 26.80 16.44
CA ALA A 299 -31.09 26.39 17.56
C ALA A 299 -31.03 24.86 17.71
N ALA A 300 -32.20 24.24 17.78
CA ALA A 300 -32.31 22.78 17.97
C ALA A 300 -31.80 21.99 16.75
N PHE A 301 -31.95 22.56 15.55
CA PHE A 301 -31.38 21.95 14.36
C PHE A 301 -29.86 21.94 14.43
N ILE A 302 -29.29 23.10 14.77
CA ILE A 302 -27.82 23.25 14.88
C ILE A 302 -27.24 22.28 15.92
N ASP A 303 -27.96 22.08 17.03
CA ASP A 303 -27.55 21.10 18.06
C ASP A 303 -27.78 19.64 17.67
N GLU A 304 -28.86 19.38 16.95
CA GLU A 304 -29.10 18.05 16.36
C GLU A 304 -27.88 17.68 15.53
N CYS A 305 -27.48 18.58 14.61
CA CYS A 305 -26.37 18.35 13.68
C CYS A 305 -25.00 18.08 14.35
N ARG A 306 -24.67 18.81 15.41
CA ARG A 306 -23.46 18.54 16.20
C ARG A 306 -23.31 17.07 16.68
N ASN A 307 -24.43 16.34 16.77
CA ASN A 307 -24.45 14.96 17.30
C ASN A 307 -24.94 13.93 16.27
N THR A 308 -25.82 13.01 16.66
CA THR A 308 -26.42 12.05 15.73
C THR A 308 -25.54 10.81 15.63
N MET A 318 -29.47 8.94 3.38
CA MET A 318 -28.82 10.25 3.12
C MET A 318 -29.87 11.36 3.05
N GLU A 319 -30.78 11.36 4.03
CA GLU A 319 -31.91 12.26 4.08
C GLU A 319 -31.55 13.74 4.14
N LYS A 320 -32.33 14.59 3.48
CA LYS A 320 -32.09 16.04 3.56
C LYS A 320 -32.90 16.65 4.75
N LYS A 321 -32.26 17.59 5.43
CA LYS A 321 -32.88 18.24 6.58
C LYS A 321 -32.43 19.70 6.58
N GLY A 322 -33.32 20.61 6.97
CA GLY A 322 -33.03 22.04 6.97
C GLY A 322 -34.04 22.91 7.71
N VAL A 323 -33.55 24.06 8.16
CA VAL A 323 -34.38 25.14 8.68
C VAL A 323 -34.05 26.45 7.96
N ASP A 324 -35.09 27.16 7.52
CA ASP A 324 -34.99 28.52 6.99
C ASP A 324 -34.38 29.41 8.09
N THR A 325 -33.35 30.20 7.76
CA THR A 325 -32.73 31.10 8.75
C THR A 325 -33.52 32.42 8.89
N GLY A 326 -34.42 32.70 7.95
CA GLY A 326 -35.08 34.01 7.88
C GLY A 326 -34.25 35.11 7.21
N PHE A 327 -32.95 34.89 6.97
CA PHE A 327 -32.12 35.91 6.28
C PHE A 327 -32.39 35.83 4.79
N LYS A 328 -32.43 37.00 4.16
CA LYS A 328 -32.55 37.09 2.70
C LYS A 328 -31.24 37.63 2.13
N ALA A 329 -30.67 36.88 1.21
CA ALA A 329 -29.53 37.34 0.41
C ALA A 329 -30.02 38.01 -0.89
N VAL A 330 -29.25 38.98 -1.39
CA VAL A 330 -29.58 39.69 -2.63
C VAL A 330 -28.79 39.08 -3.82
N HIS A 331 -29.52 38.56 -4.81
CA HIS A 331 -28.92 38.07 -6.08
C HIS A 331 -28.23 39.21 -6.80
N PRO A 332 -26.92 39.03 -7.13
CA PRO A 332 -26.15 40.20 -7.62
C PRO A 332 -26.54 40.70 -9.00
N LEU A 333 -27.09 39.81 -9.83
CA LEU A 333 -27.49 40.19 -11.19
C LEU A 333 -28.91 40.74 -11.26
N THR A 334 -29.89 39.93 -10.82
CA THR A 334 -31.31 40.32 -10.86
C THR A 334 -31.64 41.33 -9.78
N GLY A 335 -30.90 41.28 -8.66
CA GLY A 335 -31.19 42.12 -7.49
C GLY A 335 -32.32 41.60 -6.59
N GLU A 336 -32.83 40.40 -6.89
CA GLU A 336 -33.98 39.85 -6.14
C GLU A 336 -33.49 39.09 -4.91
N GLU A 337 -34.33 39.11 -3.88
CA GLU A 337 -34.02 38.44 -2.63
C GLU A 337 -34.16 36.95 -2.82
N ILE A 338 -33.26 36.19 -2.23
CA ILE A 338 -33.50 34.76 -2.12
C ILE A 338 -33.26 34.31 -0.67
N PRO A 339 -34.03 33.30 -0.21
CA PRO A 339 -33.88 32.86 1.19
C PRO A 339 -32.54 32.13 1.46
N VAL A 340 -32.06 32.23 2.70
CA VAL A 340 -30.93 31.44 3.18
C VAL A 340 -31.41 30.37 4.17
N TRP A 341 -31.06 29.11 3.92
CA TRP A 341 -31.45 27.97 4.79
C TRP A 341 -30.23 27.36 5.40
N ALA A 342 -30.36 26.83 6.61
CA ALA A 342 -29.35 25.93 7.16
C ALA A 342 -29.67 24.51 6.64
N ALA A 343 -28.65 23.76 6.22
CA ALA A 343 -28.83 22.46 5.53
C ALA A 343 -27.81 21.46 6.03
N ASN A 344 -28.30 20.27 6.29
CA ASN A 344 -27.44 19.18 6.79
C ASN A 344 -26.41 18.64 5.76
N PHE A 345 -26.61 18.89 4.47
CA PHE A 345 -25.68 18.37 3.43
C PHE A 345 -24.50 19.31 3.05
N VAL A 346 -24.46 20.54 3.60
CA VAL A 346 -23.31 21.41 3.31
C VAL A 346 -22.26 21.30 4.41
N LEU A 347 -21.06 20.94 3.97
CA LEU A 347 -19.91 20.72 4.84
C LEU A 347 -19.28 22.06 5.23
N MET A 348 -19.16 22.30 6.53
CA MET A 348 -18.60 23.57 6.99
C MET A 348 -17.14 23.66 6.56
N GLU A 349 -16.45 22.51 6.56
CA GLU A 349 -15.00 22.46 6.39
C GLU A 349 -14.60 22.59 4.94
N TYR A 350 -15.53 22.53 3.99
CA TYR A 350 -15.12 22.57 2.57
C TYR A 350 -15.58 23.82 1.94
N GLY A 351 -14.75 24.33 1.03
CA GLY A 351 -14.98 25.62 0.40
C GLY A 351 -15.13 26.70 1.48
N THR A 352 -16.19 27.49 1.36
CA THR A 352 -16.59 28.48 2.36
C THR A 352 -17.66 27.96 3.32
N GLY A 353 -18.10 26.71 3.13
CA GLY A 353 -19.20 26.13 3.92
C GLY A 353 -20.56 26.72 3.63
N ALA A 354 -20.69 27.26 2.42
CA ALA A 354 -21.94 27.75 1.93
C ALA A 354 -22.02 27.55 0.40
N VAL A 355 -23.23 27.23 -0.07
CA VAL A 355 -23.50 26.98 -1.50
C VAL A 355 -24.60 27.89 -2.06
N MET A 356 -24.60 28.08 -3.39
CA MET A 356 -25.74 28.66 -4.09
C MET A 356 -26.55 27.46 -4.55
N ALA A 357 -27.81 27.35 -4.14
CA ALA A 357 -28.53 26.11 -4.42
C ALA A 357 -29.27 26.28 -5.71
N VAL A 358 -29.09 25.31 -6.61
CA VAL A 358 -29.72 25.30 -7.95
C VAL A 358 -30.45 23.97 -8.09
N PRO A 359 -31.69 23.90 -7.58
CA PRO A 359 -32.33 22.60 -7.49
C PRO A 359 -32.63 21.98 -8.84
N GLY A 360 -32.72 22.82 -9.89
CA GLY A 360 -32.94 22.33 -11.24
C GLY A 360 -31.83 21.44 -11.76
N HIS A 361 -30.63 21.61 -11.20
CA HIS A 361 -29.46 21.02 -11.80
C HIS A 361 -28.47 20.39 -10.87
N ASP A 362 -28.79 20.37 -9.57
CA ASP A 362 -28.00 19.60 -8.61
C ASP A 362 -29.01 18.72 -7.85
N GLN A 363 -28.78 17.40 -7.85
CA GLN A 363 -29.74 16.46 -7.24
C GLN A 363 -29.96 16.65 -5.73
N ARG A 364 -28.91 16.93 -4.97
CA ARG A 364 -29.09 17.24 -3.52
C ARG A 364 -29.93 18.52 -3.33
N ASP A 365 -29.67 19.54 -4.17
CA ASP A 365 -30.45 20.79 -4.05
C ASP A 365 -31.94 20.57 -4.43
N TYR A 366 -32.16 19.71 -5.46
CA TYR A 366 -33.51 19.30 -5.95
C TYR A 366 -34.32 18.65 -4.82
N GLU A 367 -33.75 17.63 -4.20
CA GLU A 367 -34.39 16.90 -3.09
C GLU A 367 -34.65 17.78 -1.86
N PHE A 368 -33.81 18.76 -1.62
CA PHE A 368 -34.04 19.70 -0.47
C PHE A 368 -35.20 20.63 -0.83
N ALA A 369 -35.14 21.20 -2.03
CA ALA A 369 -36.20 22.10 -2.47
C ALA A 369 -37.55 21.40 -2.62
N SER A 370 -37.56 20.15 -3.06
CA SER A 370 -38.81 19.39 -3.17
C SER A 370 -39.43 19.19 -1.79
N LYS A 371 -38.61 18.81 -0.81
CA LYS A 371 -39.06 18.59 0.56
C LYS A 371 -39.62 19.84 1.23
N TYR A 372 -38.93 20.97 1.10
CA TYR A 372 -39.37 22.20 1.78
C TYR A 372 -40.13 23.20 0.89
N GLY A 373 -40.44 22.79 -0.33
CA GLY A 373 -41.36 23.52 -1.18
C GLY A 373 -40.73 24.74 -1.82
N LEU A 374 -39.41 24.73 -1.96
CA LEU A 374 -38.72 25.88 -2.52
C LEU A 374 -38.78 25.83 -4.07
N ASN A 375 -38.56 26.99 -4.71
CA ASN A 375 -38.67 27.09 -6.17
C ASN A 375 -37.65 26.22 -6.86
N ILE A 376 -38.08 25.51 -7.90
CA ILE A 376 -37.21 24.71 -8.76
C ILE A 376 -37.30 25.37 -10.11
N LYS A 377 -36.15 25.88 -10.58
CA LYS A 377 -36.08 26.70 -11.79
C LYS A 377 -35.08 26.13 -12.84
N PRO A 378 -35.52 25.91 -14.09
CA PRO A 378 -34.68 25.33 -15.11
C PRO A 378 -33.84 26.40 -15.86
N VAL A 379 -32.54 26.18 -16.01
CA VAL A 379 -31.70 27.12 -16.80
C VAL A 379 -30.75 26.48 -17.85
N ILE A 380 -30.75 25.14 -17.92
CA ILE A 380 -29.93 24.37 -18.86
C ILE A 380 -30.84 23.44 -19.66
N LEU A 381 -30.57 23.36 -20.96
CA LEU A 381 -31.38 22.57 -21.89
C LEU A 381 -30.84 21.14 -21.95
N ALA A 382 -31.69 20.20 -22.33
CA ALA A 382 -31.29 18.81 -22.55
C ALA A 382 -30.43 18.66 -23.80
N ALA A 383 -29.72 17.53 -23.92
CA ALA A 383 -28.84 17.18 -25.07
C ALA A 383 -29.39 17.65 -26.42
N ASP A 384 -30.69 17.44 -26.64
CA ASP A 384 -31.34 17.72 -27.93
C ASP A 384 -31.88 19.17 -28.07
N GLY A 385 -31.61 20.04 -27.09
CA GLY A 385 -32.00 21.46 -27.19
C GLY A 385 -33.42 21.75 -26.68
N SER A 386 -34.08 20.71 -26.18
CA SER A 386 -35.43 20.80 -25.58
C SER A 386 -35.35 21.24 -24.11
N GLU A 387 -36.42 21.82 -23.59
CA GLU A 387 -36.43 22.25 -22.18
C GLU A 387 -36.55 21.01 -21.29
N PRO A 388 -35.85 21.00 -20.15
CA PRO A 388 -35.73 19.75 -19.40
C PRO A 388 -36.98 19.31 -18.63
N ASP A 389 -37.13 17.99 -18.51
CA ASP A 389 -38.15 17.35 -17.65
C ASP A 389 -37.61 17.31 -16.22
N LEU A 390 -38.04 18.29 -15.42
CA LEU A 390 -37.58 18.43 -14.04
C LEU A 390 -38.67 17.91 -13.10
N SER A 391 -39.72 17.26 -13.62
CA SER A 391 -40.84 16.83 -12.77
C SER A 391 -40.49 15.73 -11.76
N GLN A 392 -39.35 15.05 -11.93
CA GLN A 392 -38.98 13.93 -11.06
C GLN A 392 -37.58 14.05 -10.43
N GLN A 393 -36.62 14.65 -11.14
CA GLN A 393 -35.24 14.85 -10.65
C GLN A 393 -34.52 16.03 -11.39
N ALA A 394 -33.33 16.39 -10.90
CA ALA A 394 -32.51 17.44 -11.50
C ALA A 394 -31.94 17.02 -12.87
N LEU A 395 -31.71 18.01 -13.72
CA LEU A 395 -30.96 17.82 -14.94
C LEU A 395 -29.52 18.23 -14.64
N THR A 396 -28.67 17.21 -14.71
CA THR A 396 -27.33 17.19 -14.18
C THR A 396 -26.27 17.50 -15.26
N GLU A 397 -26.57 17.20 -16.51
CA GLU A 397 -25.57 17.31 -17.58
C GLU A 397 -25.34 18.77 -17.87
N LYS A 398 -24.14 19.06 -18.36
CA LYS A 398 -23.78 20.39 -18.80
C LYS A 398 -24.42 20.60 -20.17
N GLY A 399 -25.12 21.72 -20.32
CA GLY A 399 -25.69 22.12 -21.60
C GLY A 399 -25.73 23.63 -21.88
N VAL A 400 -26.58 23.98 -22.86
CA VAL A 400 -26.79 25.32 -23.34
C VAL A 400 -27.77 26.00 -22.39
N LEU A 401 -27.50 27.24 -22.00
CA LEU A 401 -28.43 27.99 -21.12
C LEU A 401 -29.70 28.55 -21.84
N PHE A 402 -30.80 28.55 -21.09
CA PHE A 402 -32.03 29.30 -21.42
C PHE A 402 -32.53 29.90 -20.08
N ASN A 403 -33.54 30.76 -20.06
CA ASN A 403 -34.02 31.33 -18.77
C ASN A 403 -32.98 32.13 -17.96
N SER A 404 -32.05 32.72 -18.71
CA SER A 404 -30.81 33.25 -18.14
C SER A 404 -30.43 34.65 -18.70
N GLY A 405 -31.39 35.31 -19.35
CA GLY A 405 -31.15 36.66 -19.82
C GLY A 405 -29.95 36.76 -20.74
N GLU A 406 -29.02 37.64 -20.39
CA GLU A 406 -27.91 37.94 -21.30
C GLU A 406 -27.10 36.71 -21.65
N PHE A 407 -27.16 35.69 -20.78
CA PHE A 407 -26.34 34.48 -20.94
C PHE A 407 -27.06 33.33 -21.71
N ASN A 408 -28.24 33.62 -22.26
CA ASN A 408 -28.94 32.67 -23.10
C ASN A 408 -28.17 32.27 -24.37
N GLY A 409 -28.31 30.99 -24.72
CA GLY A 409 -27.69 30.40 -25.89
C GLY A 409 -26.24 30.02 -25.68
N LEU A 410 -25.62 30.49 -24.58
CA LEU A 410 -24.17 30.20 -24.36
C LEU A 410 -24.03 28.70 -24.02
N ASP A 411 -23.04 28.02 -24.58
CA ASP A 411 -22.75 26.66 -24.14
C ASP A 411 -22.09 26.73 -22.79
N HIS A 412 -21.87 25.55 -22.23
CA HIS A 412 -21.37 25.46 -20.87
C HIS A 412 -20.05 26.18 -20.63
N GLU A 413 -19.04 25.95 -21.46
CA GLU A 413 -17.73 26.58 -21.21
C GLU A 413 -17.82 28.10 -21.30
N ALA A 414 -18.59 28.58 -22.30
CA ALA A 414 -18.80 30.02 -22.54
C ALA A 414 -19.60 30.61 -21.38
N ALA A 415 -20.64 29.89 -20.95
CA ALA A 415 -21.50 30.37 -19.84
C ALA A 415 -20.70 30.54 -18.54
N PHE A 416 -19.99 29.47 -18.20
CA PHE A 416 -19.09 29.43 -17.01
C PHE A 416 -18.17 30.66 -17.02
N ASN A 417 -17.50 30.84 -18.13
CA ASN A 417 -16.54 31.92 -18.26
C ASN A 417 -17.15 33.30 -18.24
N ALA A 418 -18.29 33.46 -18.92
CA ALA A 418 -18.94 34.77 -19.00
C ALA A 418 -19.50 35.17 -17.63
N ILE A 419 -20.17 34.25 -16.95
CA ILE A 419 -20.77 34.59 -15.64
C ILE A 419 -19.66 34.83 -14.62
N ALA A 420 -18.60 34.01 -14.65
CA ALA A 420 -17.41 34.26 -13.80
C ALA A 420 -16.75 35.59 -14.09
N ASP A 421 -16.53 35.90 -15.39
CA ASP A 421 -15.83 37.16 -15.76
C ASP A 421 -16.64 38.36 -15.27
N LYS A 422 -17.97 38.22 -15.29
CA LYS A 422 -18.83 39.36 -14.98
C LYS A 422 -18.88 39.60 -13.46
N LEU A 423 -18.92 38.53 -12.67
CA LEU A 423 -18.93 38.66 -11.22
C LEU A 423 -17.57 39.16 -10.75
N THR A 424 -16.51 38.64 -11.36
CA THR A 424 -15.15 39.11 -11.08
C THR A 424 -14.99 40.63 -11.34
N ALA A 425 -15.56 41.14 -12.45
CA ALA A 425 -15.43 42.59 -12.78
C ALA A 425 -16.38 43.41 -11.89
N MET A 426 -17.53 42.82 -11.54
CA MET A 426 -18.43 43.44 -10.55
C MET A 426 -17.83 43.43 -9.12
N GLY A 427 -16.66 42.80 -8.95
CA GLY A 427 -16.00 42.73 -7.64
C GLY A 427 -16.67 41.76 -6.64
N VAL A 428 -17.51 40.84 -7.10
CA VAL A 428 -18.22 39.94 -6.19
C VAL A 428 -17.98 38.44 -6.50
N GLY A 429 -17.10 38.14 -7.44
CA GLY A 429 -16.72 36.75 -7.71
C GLY A 429 -15.23 36.65 -7.88
N GLU A 430 -14.69 35.45 -7.71
CA GLU A 430 -13.33 35.18 -8.13
C GLU A 430 -13.16 33.70 -8.32
N ARG A 431 -12.40 33.36 -9.35
CA ARG A 431 -12.15 31.97 -9.65
C ARG A 431 -11.33 31.44 -8.43
N LYS A 432 -11.43 30.13 -8.18
CA LYS A 432 -10.92 29.49 -6.94
C LYS A 432 -10.79 28.03 -7.21
N VAL A 433 -9.63 27.48 -6.93
CA VAL A 433 -9.39 26.07 -7.01
C VAL A 433 -9.45 25.53 -5.58
N ASN A 434 -10.33 24.56 -5.36
CA ASN A 434 -10.37 23.88 -4.06
C ASN A 434 -9.92 22.43 -4.15
N TYR A 435 -9.71 21.86 -2.98
CA TYR A 435 -9.29 20.49 -2.87
C TYR A 435 -10.16 19.78 -1.84
N ARG A 436 -10.53 18.54 -2.16
CA ARG A 436 -11.10 17.65 -1.18
C ARG A 436 -10.08 17.41 -0.10
N LEU A 437 -8.82 17.18 -0.49
CA LEU A 437 -7.72 16.99 0.46
C LEU A 437 -7.67 18.09 1.54
N ARG A 438 -7.60 17.67 2.79
CA ARG A 438 -7.49 18.59 3.91
C ARG A 438 -6.04 18.74 4.27
N ASP A 439 -5.71 19.78 5.00
CA ASP A 439 -4.37 19.89 5.51
C ASP A 439 -4.15 18.76 6.53
N TRP A 440 -2.90 18.47 6.76
CA TRP A 440 -2.53 17.28 7.47
C TRP A 440 -2.46 17.60 8.93
N GLY A 441 -3.40 17.07 9.71
CA GLY A 441 -3.48 17.37 11.15
C GLY A 441 -2.57 16.42 11.87
N VAL A 442 -1.47 16.92 12.45
CA VAL A 442 -0.39 16.03 12.92
C VAL A 442 -0.29 15.87 14.45
N SER A 443 -1.13 16.55 15.22
CA SER A 443 -1.08 16.40 16.68
C SER A 443 -2.17 15.48 17.30
N ARG A 444 -1.81 14.83 18.40
CA ARG A 444 -2.67 13.88 19.09
C ARG A 444 -2.54 14.14 20.59
N GLN A 445 -3.63 13.98 21.33
CA GLN A 445 -3.58 14.10 22.81
C GLN A 445 -3.22 12.74 23.38
N ARG A 446 -2.02 12.30 23.01
CA ARG A 446 -1.55 10.98 23.37
C ARG A 446 -0.14 11.14 23.96
N TYR A 447 0.23 10.26 24.90
CA TYR A 447 1.57 10.18 25.45
C TYR A 447 2.61 9.47 24.58
N TRP A 448 2.28 8.29 24.04
CA TRP A 448 3.25 7.46 23.37
C TRP A 448 3.46 7.87 21.94
N GLY A 449 4.15 9.00 21.82
CA GLY A 449 4.56 9.53 20.53
C GLY A 449 5.65 10.59 20.70
N ALA A 450 6.17 11.04 19.58
CA ALA A 450 7.21 12.09 19.53
C ALA A 450 6.68 13.47 19.93
N PRO A 451 7.37 14.12 20.88
CA PRO A 451 6.85 15.38 21.29
C PRO A 451 6.94 16.42 20.19
N ILE A 452 5.95 17.31 20.13
CA ILE A 452 5.87 18.39 19.15
C ILE A 452 6.71 19.58 19.66
N PRO A 453 7.71 20.05 18.87
CA PRO A 453 8.67 21.10 19.30
C PRO A 453 8.19 22.54 19.18
N MET A 454 7.06 22.85 19.81
CA MET A 454 6.56 24.22 19.86
C MET A 454 6.43 24.62 21.32
N VAL A 455 6.55 25.91 21.55
CA VAL A 455 6.36 26.46 22.85
C VAL A 455 5.52 27.72 22.80
N THR A 456 4.80 27.99 23.87
CA THR A 456 4.13 29.26 24.04
C THR A 456 4.83 30.07 25.14
N LEU A 457 5.36 31.25 24.82
CA LEU A 457 6.05 32.07 25.81
C LEU A 457 5.02 32.64 26.79
N GLU A 458 5.50 33.25 27.87
CA GLU A 458 4.64 33.87 28.89
C GLU A 458 3.85 35.02 28.27
N ASP A 459 4.52 35.80 27.41
CA ASP A 459 3.93 36.66 26.35
C ASP A 459 2.55 36.28 25.80
N GLY A 460 2.38 35.02 25.48
CA GLY A 460 1.30 34.62 24.60
C GLY A 460 1.82 34.30 23.22
N THR A 461 3.11 34.59 22.97
CA THR A 461 3.69 34.37 21.65
C THR A 461 4.08 32.90 21.40
N VAL A 462 4.03 32.48 20.16
CA VAL A 462 4.26 31.09 19.86
C VAL A 462 5.47 30.98 18.95
N MET A 463 6.34 30.02 19.24
CA MET A 463 7.51 29.78 18.43
C MET A 463 8.02 28.35 18.56
N PRO A 464 8.92 27.96 17.66
CA PRO A 464 9.55 26.65 17.80
C PRO A 464 10.48 26.54 18.99
N THR A 465 10.66 25.33 19.47
CA THR A 465 11.66 25.01 20.48
C THR A 465 13.08 25.29 19.89
N PRO A 466 13.93 26.02 20.63
CA PRO A 466 15.23 26.39 20.03
C PRO A 466 16.08 25.17 19.64
N ASP A 467 16.93 25.36 18.62
CA ASP A 467 17.79 24.31 18.10
C ASP A 467 18.60 23.61 19.18
N ASP A 468 19.10 24.38 20.15
CA ASP A 468 19.92 23.81 21.23
C ASP A 468 19.12 23.15 22.34
N GLN A 469 17.82 22.94 22.11
CA GLN A 469 16.94 22.23 23.02
C GLN A 469 16.26 21.05 22.31
N LEU A 470 16.80 20.63 21.15
CA LEU A 470 16.32 19.45 20.46
C LEU A 470 17.34 18.35 20.66
N PRO A 471 16.87 17.10 20.81
CA PRO A 471 15.45 16.71 20.82
C PRO A 471 14.72 17.06 22.10
N VAL A 472 13.40 17.22 22.00
CA VAL A 472 12.50 17.26 23.14
C VAL A 472 12.17 15.79 23.43
N ILE A 473 12.68 15.31 24.57
CA ILE A 473 12.68 13.93 24.91
C ILE A 473 11.40 13.50 25.64
N LEU A 474 10.72 12.50 25.11
CA LEU A 474 9.58 11.85 25.76
C LEU A 474 10.10 10.99 26.90
N PRO A 475 9.77 11.33 28.16
CA PRO A 475 10.31 10.49 29.22
C PRO A 475 9.66 9.09 29.19
N GLU A 476 10.49 8.04 29.25
CA GLU A 476 10.00 6.65 29.10
C GLU A 476 9.61 6.05 30.48
N ASP A 477 10.15 6.59 31.56
CA ASP A 477 9.88 6.10 32.91
C ASP A 477 8.63 6.76 33.53
N VAL A 478 7.46 6.16 33.30
CA VAL A 478 6.18 6.78 33.69
C VAL A 478 5.19 5.75 34.22
N VAL A 479 4.33 6.15 35.15
CA VAL A 479 3.13 5.35 35.44
C VAL A 479 1.87 5.96 34.77
N MET A 480 1.15 5.12 34.03
CA MET A 480 -0.06 5.50 33.27
C MET A 480 -1.29 5.32 34.14
N ASP A 481 -2.23 6.27 34.09
CA ASP A 481 -3.46 6.16 34.91
C ASP A 481 -4.68 5.73 34.07
N GLY A 482 -4.50 5.61 32.77
CA GLY A 482 -5.61 5.23 31.89
C GLY A 482 -6.26 6.47 31.30
N ILE A 483 -6.34 7.52 32.11
CA ILE A 483 -7.08 8.74 31.83
C ILE A 483 -6.22 9.76 31.06
N THR A 484 -5.20 10.31 31.71
CA THR A 484 -4.43 11.42 31.16
C THR A 484 -2.97 11.08 30.81
N SER A 485 -2.43 11.73 29.79
CA SER A 485 -1.04 11.57 29.45
C SER A 485 -0.14 11.95 30.64
N PRO A 486 0.87 11.11 30.95
CA PRO A 486 1.77 11.48 32.01
C PRO A 486 2.44 12.86 31.82
N ILE A 487 2.79 13.27 30.60
CA ILE A 487 3.38 14.61 30.43
C ILE A 487 2.38 15.76 30.44
N LYS A 488 1.08 15.46 30.46
CA LYS A 488 0.05 16.48 30.80
C LYS A 488 -0.33 16.39 32.25
N ALA A 489 -0.43 15.18 32.80
CA ALA A 489 -0.80 15.00 34.23
C ALA A 489 0.17 15.68 35.17
N ASP A 490 1.44 15.76 34.78
CA ASP A 490 2.47 16.43 35.61
C ASP A 490 2.69 17.84 35.12
N PRO A 491 2.23 18.83 35.91
CA PRO A 491 2.38 20.25 35.61
C PRO A 491 3.82 20.73 35.44
N GLU A 492 4.79 20.09 36.06
CA GLU A 492 6.19 20.52 35.92
C GLU A 492 6.81 20.22 34.55
N TRP A 493 6.32 19.18 33.86
CA TRP A 493 6.99 18.75 32.64
C TRP A 493 6.95 19.81 31.58
N ALA A 494 5.82 20.47 31.41
CA ALA A 494 5.68 21.47 30.38
C ALA A 494 6.41 22.80 30.69
N LYS A 495 6.79 23.06 31.94
CA LYS A 495 7.46 24.33 32.31
C LYS A 495 8.90 24.34 31.77
N THR A 496 9.26 25.38 31.01
CA THR A 496 10.61 25.52 30.44
C THR A 496 11.02 27.02 30.41
N THR A 497 12.11 27.33 29.70
CA THR A 497 12.51 28.71 29.47
C THR A 497 13.06 28.85 28.05
N VAL A 498 12.58 29.87 27.32
CA VAL A 498 12.95 30.09 25.91
C VAL A 498 13.14 31.59 25.69
N ASN A 499 14.09 31.93 24.81
CA ASN A 499 14.50 33.33 24.60
C ASN A 499 14.54 34.07 25.94
N GLY A 500 15.13 33.44 26.95
CA GLY A 500 15.28 34.07 28.30
C GLY A 500 14.02 34.21 29.14
N MET A 501 12.92 33.60 28.70
CA MET A 501 11.63 33.83 29.32
C MET A 501 10.89 32.49 29.60
N PRO A 502 10.02 32.48 30.64
CA PRO A 502 9.21 31.33 31.03
C PRO A 502 8.16 30.93 30.01
N ALA A 503 8.24 29.69 29.55
CA ALA A 503 7.38 29.16 28.51
C ALA A 503 6.65 27.87 28.93
N LEU A 504 5.62 27.51 28.18
CA LEU A 504 4.89 26.28 28.41
C LEU A 504 5.04 25.49 27.10
N ARG A 505 5.63 24.30 27.18
CA ARG A 505 5.88 23.60 25.94
C ARG A 505 4.76 22.64 25.60
N GLU A 506 4.61 22.36 24.30
CA GLU A 506 3.53 21.51 23.80
C GLU A 506 3.56 20.14 24.45
N THR A 507 2.41 19.66 24.91
CA THR A 507 2.25 18.35 25.48
C THR A 507 1.59 17.32 24.52
N ASP A 508 1.04 17.77 23.39
CA ASP A 508 0.50 16.84 22.42
C ASP A 508 1.69 16.29 21.69
N THR A 509 1.55 15.09 21.17
CA THR A 509 2.59 14.43 20.41
C THR A 509 2.19 14.21 18.94
N PHE A 510 3.17 13.85 18.09
CA PHE A 510 2.95 13.67 16.66
C PHE A 510 2.14 12.37 16.39
N ASP A 511 1.25 12.37 15.41
CA ASP A 511 0.73 11.10 14.92
C ASP A 511 1.87 10.28 14.36
N THR A 512 1.75 8.97 14.48
CA THR A 512 2.76 8.08 14.05
C THR A 512 3.08 8.05 12.51
N PHE A 513 2.18 8.51 11.65
N PHE A 513 2.14 8.50 11.69
CA PHE A 513 2.53 8.70 10.23
CA PHE A 513 2.38 8.77 10.25
C PHE A 513 3.64 9.73 10.05
C PHE A 513 3.55 9.75 10.05
N MET A 514 3.89 10.54 11.08
CA MET A 514 5.04 11.43 11.03
C MET A 514 6.33 10.62 10.90
N GLU A 515 6.50 9.55 11.67
CA GLU A 515 7.73 8.76 11.65
C GLU A 515 7.77 7.89 10.40
N SER A 516 6.61 7.34 10.01
CA SER A 516 6.59 6.49 8.83
C SER A 516 6.70 7.27 7.49
N SER A 517 6.68 8.58 7.53
CA SER A 517 6.75 9.35 6.28
C SER A 517 8.16 9.52 5.69
N TRP A 518 9.20 9.17 6.46
CA TRP A 518 10.59 9.40 6.09
C TRP A 518 11.59 8.34 6.45
N TYR A 519 11.13 7.28 7.14
CA TYR A 519 12.02 6.22 7.58
C TYR A 519 12.74 5.59 6.37
N TYR A 520 12.06 5.47 5.23
CA TYR A 520 12.68 4.92 3.98
C TYR A 520 13.93 5.70 3.64
N ALA A 521 13.98 6.97 3.98
CA ALA A 521 15.14 7.77 3.61
C ALA A 521 16.26 7.63 4.68
N ARG A 522 15.91 7.57 5.96
CA ARG A 522 16.88 7.45 7.05
C ARG A 522 17.63 6.12 7.05
N TYR A 523 16.99 5.08 6.52
CA TYR A 523 17.66 3.83 6.35
C TYR A 523 18.95 3.98 5.53
N THR A 524 19.04 4.98 4.68
CA THR A 524 20.24 5.19 3.85
C THR A 524 21.43 5.68 4.65
N CYS A 525 21.18 6.26 5.81
CA CYS A 525 22.19 6.89 6.66
C CYS A 525 21.75 6.91 8.15
N PRO A 526 21.50 5.71 8.71
CA PRO A 526 20.81 5.65 9.97
C PRO A 526 21.64 6.11 11.15
N GLN A 527 22.96 6.19 11.04
CA GLN A 527 23.78 6.69 12.18
C GLN A 527 24.40 8.07 11.95
N TYR A 528 23.95 8.77 10.91
CA TYR A 528 24.42 10.11 10.59
C TYR A 528 23.93 11.13 11.61
N LYS A 529 24.86 11.72 12.35
CA LYS A 529 24.58 12.61 13.45
C LYS A 529 24.58 14.06 13.05
N GLU A 530 24.97 14.38 11.81
CA GLU A 530 25.08 15.77 11.38
C GLU A 530 23.78 16.34 10.83
N GLY A 531 22.83 15.49 10.45
CA GLY A 531 21.56 15.97 9.96
C GLY A 531 20.59 14.84 9.77
N MET A 532 19.37 15.21 9.45
CA MET A 532 18.37 14.27 9.14
C MET A 532 18.80 13.28 8.04
N LEU A 533 19.43 13.78 6.96
CA LEU A 533 19.98 12.90 5.91
C LEU A 533 21.36 13.34 5.44
N ASP A 534 22.21 12.36 5.17
CA ASP A 534 23.43 12.57 4.38
C ASP A 534 22.93 12.49 2.96
N SER A 535 22.83 13.64 2.33
CA SER A 535 22.38 13.75 0.94
C SER A 535 23.10 12.84 -0.07
N GLU A 536 24.41 12.60 0.09
CA GLU A 536 25.12 11.67 -0.80
C GLU A 536 24.68 10.25 -0.67
N ALA A 537 24.58 9.79 0.57
CA ALA A 537 24.04 8.46 0.83
C ALA A 537 22.62 8.33 0.34
N ALA A 538 21.76 9.30 0.59
CA ALA A 538 20.32 9.14 0.25
C ALA A 538 20.14 9.13 -1.28
N ASN A 539 20.87 9.99 -1.97
CA ASN A 539 20.74 10.09 -3.44
C ASN A 539 21.39 8.87 -4.12
N TYR A 540 22.35 8.19 -3.48
CA TYR A 540 22.86 6.91 -4.02
C TYR A 540 21.77 5.84 -4.02
N TRP A 541 21.07 5.69 -2.92
CA TRP A 541 20.01 4.68 -2.79
C TRP A 541 18.61 4.99 -3.29
N LEU A 542 18.21 6.24 -3.27
CA LEU A 542 16.85 6.64 -3.70
C LEU A 542 16.78 6.99 -5.20
N PRO A 543 15.62 6.85 -5.83
CA PRO A 543 14.41 6.31 -5.29
C PRO A 543 14.46 4.81 -5.00
N VAL A 544 13.60 4.38 -4.06
CA VAL A 544 13.39 3.00 -3.75
C VAL A 544 13.04 2.30 -5.09
N ASP A 545 13.68 1.18 -5.40
CA ASP A 545 13.33 0.47 -6.64
C ASP A 545 11.96 -0.21 -6.61
N ILE A 546 11.68 -0.96 -5.54
CA ILE A 546 10.39 -1.55 -5.38
C ILE A 546 10.03 -1.48 -3.91
N TYR A 547 8.83 -1.00 -3.65
CA TYR A 547 8.21 -0.91 -2.29
C TYR A 547 7.06 -1.89 -2.24
N ILE A 548 7.04 -2.75 -1.21
CA ILE A 548 6.05 -3.78 -1.04
C ILE A 548 5.24 -3.59 0.22
N GLY A 549 3.89 -3.58 0.06
CA GLY A 549 2.94 -3.45 1.18
C GLY A 549 1.47 -3.29 0.72
N GLY A 550 0.52 -3.48 1.62
CA GLY A 550 -0.87 -3.58 1.21
C GLY A 550 -1.47 -2.33 0.61
N ILE A 551 -2.55 -2.53 -0.14
CA ILE A 551 -3.30 -1.44 -0.81
C ILE A 551 -4.10 -0.55 0.17
N GLU A 552 -4.29 -1.03 1.41
CA GLU A 552 -5.04 -0.27 2.41
C GLU A 552 -4.34 1.02 2.90
N HIS A 553 -3.06 1.20 2.54
CA HIS A 553 -2.28 2.39 2.93
C HIS A 553 -2.35 3.46 1.88
N ALA A 554 -3.18 3.23 0.86
CA ALA A 554 -3.17 3.99 -0.42
C ALA A 554 -3.30 5.51 -0.26
N ILE A 555 -4.22 5.93 0.61
CA ILE A 555 -4.50 7.35 0.75
C ILE A 555 -4.06 7.99 2.08
N MET A 556 -3.35 7.20 2.90
CA MET A 556 -2.76 7.74 4.11
C MET A 556 -1.23 7.66 3.85
N HIS A 557 -0.56 6.63 4.31
CA HIS A 557 0.90 6.57 4.27
C HIS A 557 1.44 6.78 2.90
N LEU A 558 0.82 6.17 1.87
CA LEU A 558 1.37 6.19 0.55
C LEU A 558 1.23 7.57 -0.10
N LEU A 559 0.35 8.42 0.44
CA LEU A 559 0.29 9.81 0.03
C LEU A 559 1.25 10.67 0.87
N TYR A 560 1.28 10.43 2.17
CA TYR A 560 2.13 11.25 3.03
C TYR A 560 3.62 11.13 2.68
N PHE A 561 4.07 9.92 2.35
CA PHE A 561 5.50 9.73 2.05
C PHE A 561 5.92 10.37 0.75
N ARG A 562 4.97 10.56 -0.17
CA ARG A 562 5.22 11.30 -1.42
C ARG A 562 5.36 12.76 -1.08
N PHE A 563 4.49 13.25 -0.20
CA PHE A 563 4.54 14.65 0.21
C PHE A 563 5.83 14.94 0.94
N PHE A 564 6.16 14.07 1.91
CA PHE A 564 7.33 14.29 2.70
C PHE A 564 8.61 14.28 1.83
N HIS A 565 8.67 13.39 0.85
CA HIS A 565 9.77 13.31 -0.09
C HIS A 565 9.97 14.63 -0.79
N LYS A 566 8.87 15.28 -1.17
CA LYS A 566 8.94 16.51 -1.85
C LYS A 566 9.38 17.67 -0.95
N LEU A 567 8.95 17.65 0.30
CA LEU A 567 9.42 18.64 1.27
C LEU A 567 10.93 18.52 1.38
N MET A 568 11.42 17.29 1.53
CA MET A 568 12.84 17.03 1.66
C MET A 568 13.58 17.43 0.37
N ARG A 569 13.02 17.13 -0.79
CA ARG A 569 13.58 17.68 -2.02
C ARG A 569 13.72 19.22 -1.99
N ASP A 570 12.65 19.94 -1.63
CA ASP A 570 12.70 21.38 -1.57
C ASP A 570 13.53 21.93 -0.39
N ALA A 571 14.01 21.09 0.52
CA ALA A 571 14.97 21.52 1.52
C ALA A 571 16.41 21.22 1.08
N GLY A 572 16.60 20.65 -0.10
CA GLY A 572 17.94 20.35 -0.62
C GLY A 572 18.47 18.98 -0.20
N MET A 573 17.64 18.15 0.42
CA MET A 573 18.12 16.97 1.08
C MET A 573 18.21 15.74 0.14
N VAL A 574 17.33 15.71 -0.85
CA VAL A 574 17.33 14.66 -1.85
C VAL A 574 17.18 15.32 -3.18
N ASN A 575 17.45 14.61 -4.26
CA ASN A 575 17.43 15.30 -5.57
C ASN A 575 16.50 14.69 -6.59
N SER A 576 15.47 14.02 -6.08
CA SER A 576 14.53 13.27 -6.90
C SER A 576 13.11 13.79 -6.51
N ASP A 577 12.15 13.58 -7.39
CA ASP A 577 10.79 14.05 -7.20
C ASP A 577 9.85 13.07 -6.48
N GLU A 578 10.13 11.77 -6.59
CA GLU A 578 9.25 10.71 -6.07
C GLU A 578 10.07 9.72 -5.22
N PRO A 579 9.49 9.17 -4.12
CA PRO A 579 10.28 8.28 -3.27
C PRO A 579 10.45 6.85 -3.71
N ALA A 580 9.51 6.30 -4.51
CA ALA A 580 9.50 4.87 -4.96
C ALA A 580 9.05 4.76 -6.43
N LYS A 581 9.83 4.02 -7.24
CA LYS A 581 9.54 3.71 -8.64
C LYS A 581 8.35 2.78 -8.74
N GLN A 582 8.50 1.59 -8.17
CA GLN A 582 7.45 0.57 -8.22
C GLN A 582 6.84 0.37 -6.82
N LEU A 583 5.52 0.25 -6.80
CA LEU A 583 4.74 -0.13 -5.61
C LEU A 583 4.11 -1.44 -5.95
N LEU A 584 4.35 -2.45 -5.11
CA LEU A 584 3.71 -3.78 -5.25
C LEU A 584 2.85 -4.04 -4.04
N CYS A 585 1.55 -4.23 -4.24
CA CYS A 585 0.63 -4.40 -3.16
C CYS A 585 0.21 -5.85 -3.09
N GLN A 586 0.73 -6.53 -2.07
CA GLN A 586 0.55 -7.92 -1.94
C GLN A 586 -0.90 -8.16 -1.42
N GLY A 587 -1.50 -9.26 -1.82
CA GLY A 587 -2.86 -9.62 -1.35
C GLY A 587 -2.90 -10.15 0.06
N MET A 588 -4.10 -10.14 0.61
CA MET A 588 -4.33 -10.66 1.93
C MET A 588 -4.22 -12.15 1.93
N VAL A 589 -3.88 -12.72 3.09
CA VAL A 589 -3.85 -14.16 3.33
C VAL A 589 -5.18 -14.53 3.95
N LEU A 590 -5.87 -15.50 3.37
CA LEU A 590 -7.17 -15.97 3.85
C LEU A 590 -7.08 -17.40 4.46
N ALA A 591 -8.07 -17.70 5.28
CA ALA A 591 -8.20 -18.99 5.93
C ALA A 591 -9.69 -19.34 6.08
N ASP A 592 -10.03 -20.61 5.99
CA ASP A 592 -11.40 -21.09 6.28
C ASP A 592 -11.88 -20.50 7.61
N ALA A 593 -13.19 -20.31 7.72
CA ALA A 593 -13.86 -19.77 8.89
C ALA A 593 -15.16 -20.54 9.20
N PHE A 594 -15.40 -20.86 10.49
CA PHE A 594 -16.57 -21.60 10.93
C PHE A 594 -17.18 -20.93 12.16
N TYR A 595 -18.51 -21.06 12.25
CA TYR A 595 -19.22 -20.76 13.50
C TYR A 595 -20.37 -21.67 13.79
N TYR A 596 -20.76 -21.74 15.07
CA TYR A 596 -21.99 -22.38 15.44
C TYR A 596 -22.85 -21.35 16.17
N VAL A 597 -24.14 -21.55 16.10
CA VAL A 597 -25.12 -20.78 16.88
C VAL A 597 -25.43 -21.46 18.23
N GLY A 598 -25.12 -20.79 19.34
CA GLY A 598 -25.58 -21.26 20.64
C GLY A 598 -27.06 -21.18 20.88
N GLU A 599 -27.52 -21.88 21.93
CA GLU A 599 -28.88 -21.91 22.43
C GLU A 599 -29.40 -20.48 22.65
N ASN A 600 -28.48 -19.57 22.95
CA ASN A 600 -28.79 -18.16 23.18
C ASN A 600 -28.89 -17.29 21.93
N GLY A 601 -28.71 -17.88 20.78
CA GLY A 601 -28.78 -17.16 19.53
C GLY A 601 -27.54 -16.44 19.11
N GLU A 602 -26.47 -16.53 19.90
CA GLU A 602 -25.23 -15.84 19.57
C GLU A 602 -24.35 -16.71 18.70
N ARG A 603 -23.69 -16.12 17.70
CA ARG A 603 -22.73 -16.83 16.90
C ARG A 603 -21.39 -16.99 17.63
N ASN A 604 -20.83 -18.18 17.64
CA ASN A 604 -19.53 -18.46 18.27
C ASN A 604 -18.61 -19.03 17.21
N TRP A 605 -17.53 -18.34 16.91
CA TRP A 605 -16.60 -18.75 15.87
C TRP A 605 -15.56 -19.76 16.33
N VAL A 606 -15.30 -20.76 15.49
CA VAL A 606 -14.50 -21.93 15.80
C VAL A 606 -13.36 -22.02 14.80
N SER A 607 -12.16 -22.20 15.33
CA SER A 607 -10.95 -22.26 14.54
C SER A 607 -11.01 -23.45 13.59
N PRO A 608 -10.55 -23.27 12.37
CA PRO A 608 -10.56 -24.35 11.38
C PRO A 608 -9.81 -25.57 11.84
N VAL A 609 -8.77 -25.41 12.66
CA VAL A 609 -8.11 -26.59 13.26
C VAL A 609 -9.01 -27.40 14.18
N ASP A 610 -10.04 -26.78 14.79
CA ASP A 610 -10.96 -27.51 15.67
C ASP A 610 -12.19 -28.01 14.94
N ALA A 611 -12.25 -27.78 13.62
CA ALA A 611 -13.38 -28.28 12.84
C ALA A 611 -13.18 -29.73 12.39
N ILE A 612 -14.12 -30.59 12.70
CA ILE A 612 -14.14 -31.95 12.18
C ILE A 612 -15.05 -31.95 10.98
N VAL A 613 -14.48 -31.97 9.78
CA VAL A 613 -15.30 -31.79 8.60
C VAL A 613 -15.56 -33.10 7.91
N GLU A 614 -16.67 -33.16 7.18
CA GLU A 614 -17.01 -34.31 6.33
C GLU A 614 -17.18 -33.82 4.88
N ARG A 615 -16.63 -34.60 3.94
CA ARG A 615 -16.45 -34.16 2.56
C ARG A 615 -17.10 -35.08 1.58
N ASP A 616 -17.75 -34.52 0.57
CA ASP A 616 -18.43 -35.36 -0.42
C ASP A 616 -17.41 -36.05 -1.34
N GLU A 617 -17.95 -36.76 -2.33
CA GLU A 617 -17.18 -37.47 -3.32
C GLU A 617 -16.16 -36.54 -3.96
N LYS A 618 -16.52 -35.27 -4.19
CA LYS A 618 -15.62 -34.29 -4.84
C LYS A 618 -14.79 -33.45 -3.87
N GLY A 619 -14.76 -33.85 -2.60
CA GLY A 619 -13.92 -33.18 -1.59
C GLY A 619 -14.45 -31.86 -1.05
N ARG A 620 -15.68 -31.48 -1.39
CA ARG A 620 -16.28 -30.24 -0.84
C ARG A 620 -16.85 -30.52 0.57
N ILE A 621 -16.75 -29.54 1.46
CA ILE A 621 -17.22 -29.67 2.83
C ILE A 621 -18.76 -29.66 2.91
N VAL A 622 -19.33 -30.76 3.38
CA VAL A 622 -20.79 -30.93 3.37
C VAL A 622 -21.42 -30.90 4.78
N LYS A 623 -20.74 -31.50 5.77
CA LYS A 623 -21.02 -31.22 7.19
C LYS A 623 -19.74 -30.88 7.97
N ALA A 624 -19.95 -30.38 9.18
CA ALA A 624 -18.84 -29.97 10.02
C ALA A 624 -19.30 -29.83 11.48
N LYS A 625 -18.45 -30.31 12.40
CA LYS A 625 -18.81 -30.36 13.82
C LYS A 625 -17.56 -30.04 14.63
N ASP A 626 -17.72 -29.60 15.86
CA ASP A 626 -16.57 -29.45 16.74
C ASP A 626 -16.62 -30.61 17.70
N ALA A 627 -15.61 -30.78 18.55
CA ALA A 627 -15.56 -31.93 19.47
C ALA A 627 -16.57 -31.85 20.59
N ALA A 628 -17.12 -30.68 20.91
CA ALA A 628 -18.25 -30.61 21.85
C ALA A 628 -19.57 -31.00 21.22
N GLY A 629 -19.62 -31.25 19.93
CA GLY A 629 -20.90 -31.65 19.31
C GLY A 629 -21.64 -30.54 18.56
N HIS A 630 -21.12 -29.31 18.57
CA HIS A 630 -21.78 -28.19 17.90
C HIS A 630 -21.77 -28.34 16.41
N GLU A 631 -22.92 -28.11 15.80
CA GLU A 631 -23.02 -28.14 14.36
C GLU A 631 -22.44 -26.82 13.83
N LEU A 632 -21.41 -26.90 12.97
CA LEU A 632 -20.74 -25.71 12.46
C LEU A 632 -21.22 -25.29 11.06
N VAL A 633 -21.29 -23.99 10.79
CA VAL A 633 -21.53 -23.56 9.44
C VAL A 633 -20.20 -23.04 8.85
N TYR A 634 -19.85 -23.58 7.69
CA TYR A 634 -18.63 -23.19 6.98
C TYR A 634 -18.92 -21.93 6.20
N THR A 635 -18.09 -20.90 6.32
CA THR A 635 -18.36 -19.64 5.66
C THR A 635 -17.36 -19.41 4.54
N GLY A 636 -16.47 -20.34 4.28
CA GLY A 636 -15.52 -20.15 3.18
C GLY A 636 -14.24 -19.54 3.60
N MET A 637 -13.41 -19.21 2.60
CA MET A 637 -12.16 -18.53 2.84
C MET A 637 -12.43 -17.09 3.19
N SER A 638 -11.76 -16.55 4.19
CA SER A 638 -12.15 -15.25 4.70
C SER A 638 -10.90 -14.63 5.20
N LYS A 639 -10.88 -13.31 5.21
CA LYS A 639 -9.78 -12.53 5.78
C LYS A 639 -9.53 -13.05 7.21
N MET A 640 -8.28 -13.18 7.64
CA MET A 640 -7.96 -13.63 9.02
C MET A 640 -8.20 -12.58 10.11
N SER A 641 -8.82 -12.97 11.23
CA SER A 641 -9.10 -12.06 12.34
C SER A 641 -9.27 -12.78 13.69
N LYS A 642 -9.07 -12.07 14.79
CA LYS A 642 -9.33 -12.64 16.11
C LYS A 642 -10.84 -12.89 16.27
N SER A 643 -11.66 -12.07 15.58
CA SER A 643 -13.12 -12.16 15.63
C SER A 643 -13.67 -13.44 15.01
N LYS A 644 -13.12 -13.90 13.89
CA LYS A 644 -13.58 -15.14 13.25
C LYS A 644 -12.76 -16.32 13.75
N ASN A 645 -11.83 -16.01 14.65
CA ASN A 645 -11.04 -17.01 15.27
C ASN A 645 -10.31 -17.91 14.27
N ASN A 646 -9.90 -17.36 13.12
CA ASN A 646 -9.28 -18.17 12.08
C ASN A 646 -7.83 -17.75 11.77
N GLY A 647 -7.21 -16.98 12.64
CA GLY A 647 -5.78 -16.63 12.45
C GLY A 647 -4.90 -17.86 12.55
N ILE A 648 -3.83 -17.87 11.77
CA ILE A 648 -2.86 -18.92 11.79
C ILE A 648 -1.51 -18.29 12.17
N ASP A 649 -0.83 -18.87 13.16
CA ASP A 649 0.38 -18.28 13.71
C ASP A 649 1.60 -18.76 12.89
N PRO A 650 2.26 -17.82 12.24
CA PRO A 650 3.42 -18.28 11.47
C PRO A 650 4.51 -18.93 12.32
N GLN A 651 4.69 -18.50 13.57
CA GLN A 651 5.64 -19.21 14.45
C GLN A 651 5.36 -20.71 14.54
N VAL A 652 4.08 -21.07 14.71
CA VAL A 652 3.68 -22.47 14.77
C VAL A 652 4.10 -23.21 13.49
N MET A 653 3.89 -22.58 12.34
CA MET A 653 4.20 -23.21 11.06
C MET A 653 5.68 -23.33 10.80
N VAL A 654 6.44 -22.34 11.26
CA VAL A 654 7.88 -22.32 11.09
C VAL A 654 8.45 -23.48 11.93
N GLU A 655 7.97 -23.62 13.16
CA GLU A 655 8.38 -24.73 14.00
C GLU A 655 7.90 -26.09 13.50
N ARG A 656 6.73 -26.18 12.88
CA ARG A 656 6.27 -27.44 12.33
C ARG A 656 7.02 -27.89 11.05
N TYR A 657 7.28 -26.98 10.12
CA TYR A 657 7.77 -27.36 8.80
C TYR A 657 9.13 -26.80 8.45
N GLY A 658 9.60 -25.80 9.19
CA GLY A 658 10.77 -25.04 8.82
C GLY A 658 10.36 -23.79 8.03
N ALA A 659 11.22 -22.78 8.11
CA ALA A 659 10.98 -21.53 7.42
C ALA A 659 10.90 -21.73 5.92
N ASP A 660 11.77 -22.58 5.35
CA ASP A 660 11.86 -22.67 3.92
C ASP A 660 10.53 -23.17 3.34
N THR A 661 9.86 -24.08 4.03
CA THR A 661 8.60 -24.63 3.56
C THR A 661 7.56 -23.54 3.57
N VAL A 662 7.52 -22.76 4.65
CA VAL A 662 6.52 -21.72 4.77
C VAL A 662 6.73 -20.65 3.67
N ARG A 663 7.98 -20.21 3.50
CA ARG A 663 8.33 -19.26 2.42
C ARG A 663 7.92 -19.79 1.03
N LEU A 664 8.27 -21.03 0.76
CA LEU A 664 7.95 -21.62 -0.56
C LEU A 664 6.43 -21.68 -0.82
N PHE A 665 5.66 -22.23 0.13
CA PHE A 665 4.22 -22.22 -0.04
C PHE A 665 3.66 -20.84 -0.32
N MET A 666 4.07 -19.85 0.48
CA MET A 666 3.55 -18.48 0.35
C MET A 666 3.86 -17.83 -1.01
N MET A 667 4.97 -18.25 -1.66
CA MET A 667 5.34 -17.71 -2.97
C MET A 667 4.73 -18.52 -4.12
N PHE A 668 4.40 -19.79 -3.86
CA PHE A 668 3.84 -20.70 -4.88
C PHE A 668 2.32 -20.64 -5.01
N ALA A 669 1.63 -20.38 -3.92
CA ALA A 669 0.19 -20.59 -3.89
C ALA A 669 -0.61 -19.66 -4.82
N SER A 670 -0.15 -18.45 -5.01
CA SER A 670 -0.94 -17.49 -5.78
C SER A 670 -0.08 -16.31 -6.22
N PRO A 671 -0.50 -15.54 -7.25
CA PRO A 671 0.35 -14.39 -7.63
C PRO A 671 0.43 -13.44 -6.49
N ALA A 672 1.57 -12.76 -6.34
CA ALA A 672 1.82 -11.83 -5.19
C ALA A 672 0.68 -10.83 -4.92
N ASP A 673 0.05 -10.32 -5.98
CA ASP A 673 -0.99 -9.26 -5.87
C ASP A 673 -2.42 -9.82 -5.68
N MET A 674 -2.59 -11.13 -5.72
CA MET A 674 -3.87 -11.72 -5.46
C MET A 674 -3.90 -12.28 -4.06
N THR A 675 -5.11 -12.57 -3.60
CA THR A 675 -5.34 -13.19 -2.31
C THR A 675 -4.73 -14.58 -2.25
N LEU A 676 -4.21 -14.96 -1.07
CA LEU A 676 -3.67 -16.29 -0.87
C LEU A 676 -4.51 -17.09 0.13
N GLU A 677 -4.97 -18.26 -0.31
CA GLU A 677 -5.71 -19.19 0.51
C GLU A 677 -4.72 -20.11 1.22
N TRP A 678 -4.68 -19.96 2.53
CA TRP A 678 -3.80 -20.79 3.35
C TRP A 678 -4.44 -22.18 3.41
N GLN A 679 -3.71 -23.20 2.94
CA GLN A 679 -4.13 -24.63 2.94
C GLN A 679 -3.01 -25.48 3.51
N GLU A 680 -3.28 -26.17 4.58
CA GLU A 680 -2.27 -27.06 5.17
C GLU A 680 -1.84 -28.16 4.17
N SER A 681 -2.76 -28.65 3.34
CA SER A 681 -2.41 -29.62 2.35
C SER A 681 -1.45 -29.00 1.38
N GLY A 682 -1.56 -27.69 1.13
CA GLY A 682 -0.61 -27.00 0.26
C GLY A 682 0.78 -26.88 0.84
N VAL A 683 0.87 -26.47 2.12
CA VAL A 683 2.14 -26.45 2.88
C VAL A 683 2.80 -27.81 2.95
N GLU A 684 2.01 -28.85 3.21
CA GLU A 684 2.57 -30.20 3.20
C GLU A 684 3.18 -30.52 1.84
N GLY A 685 2.48 -30.11 0.77
CA GLY A 685 2.95 -30.35 -0.61
C GLY A 685 4.31 -29.71 -0.85
N ALA A 686 4.49 -28.49 -0.35
CA ALA A 686 5.76 -27.78 -0.41
C ALA A 686 6.91 -28.48 0.33
N ASN A 687 6.60 -28.99 1.52
CA ASN A 687 7.57 -29.74 2.33
C ASN A 687 8.02 -30.98 1.58
N ARG A 688 7.09 -31.68 0.93
CA ARG A 688 7.45 -32.89 0.17
C ARG A 688 8.36 -32.52 -1.00
N PHE A 689 8.11 -31.39 -1.67
CA PHE A 689 8.96 -30.98 -2.78
C PHE A 689 10.41 -30.79 -2.33
N LEU A 690 10.61 -30.02 -1.25
CA LEU A 690 11.96 -29.81 -0.73
C LEU A 690 12.64 -31.12 -0.36
N LYS A 691 11.87 -32.05 0.24
CA LYS A 691 12.37 -33.38 0.53
C LYS A 691 12.82 -34.13 -0.73
N ARG A 692 12.13 -33.93 -1.84
CA ARG A 692 12.54 -34.56 -3.11
C ARG A 692 13.78 -33.91 -3.75
N VAL A 693 13.99 -32.64 -3.48
CA VAL A 693 15.13 -31.92 -3.99
C VAL A 693 16.29 -32.41 -3.14
N TRP A 694 16.09 -32.48 -1.82
CA TRP A 694 17.10 -33.03 -0.93
C TRP A 694 17.51 -34.44 -1.33
N LYS A 695 16.55 -35.29 -1.62
CA LYS A 695 16.84 -36.68 -2.05
C LYS A 695 17.69 -36.76 -3.32
N LEU A 696 17.30 -36.02 -4.35
CA LEU A 696 18.05 -36.11 -5.61
C LEU A 696 19.49 -35.65 -5.34
N VAL A 697 19.68 -34.59 -4.56
CA VAL A 697 21.05 -34.17 -4.29
C VAL A 697 21.85 -35.22 -3.47
N TYR A 698 21.18 -35.94 -2.56
CA TYR A 698 21.84 -36.93 -1.70
C TYR A 698 22.34 -38.11 -2.54
N GLU A 699 21.50 -38.56 -3.46
CA GLU A 699 21.84 -39.66 -4.33
C GLU A 699 22.92 -39.28 -5.33
N HIS A 700 22.86 -38.07 -5.87
CA HIS A 700 23.90 -37.55 -6.76
C HIS A 700 25.22 -37.49 -6.01
N THR A 701 25.30 -36.74 -4.91
CA THR A 701 26.59 -36.59 -4.21
C THR A 701 27.14 -37.92 -3.63
N ALA A 702 26.23 -38.83 -3.27
CA ALA A 702 26.62 -40.15 -2.80
C ALA A 702 27.50 -40.87 -3.81
N LYS A 703 27.37 -40.53 -5.09
CA LYS A 703 28.13 -41.15 -6.15
C LYS A 703 29.50 -40.51 -6.36
N GLY A 704 29.79 -39.46 -5.62
CA GLY A 704 31.12 -38.89 -5.63
C GLY A 704 31.31 -37.89 -6.76
N ASP A 705 32.58 -37.55 -7.00
CA ASP A 705 32.92 -36.45 -7.88
C ASP A 705 32.58 -36.73 -9.34
N VAL A 706 32.65 -35.67 -10.15
CA VAL A 706 32.03 -35.64 -11.46
C VAL A 706 33.07 -35.25 -12.52
N ALA A 707 33.03 -35.91 -13.68
CA ALA A 707 33.91 -35.51 -14.79
C ALA A 707 33.43 -34.18 -15.40
N ALA A 708 34.35 -33.48 -16.06
CA ALA A 708 34.00 -32.25 -16.77
C ALA A 708 33.03 -32.59 -17.91
N LEU A 709 31.96 -31.81 -18.01
CA LEU A 709 30.92 -32.03 -19.01
C LEU A 709 31.51 -31.79 -20.39
N ASN A 710 31.24 -32.68 -21.31
CA ASN A 710 31.74 -32.54 -22.64
C ASN A 710 30.59 -32.35 -23.62
N VAL A 711 30.28 -31.09 -23.92
CA VAL A 711 29.06 -30.72 -24.66
C VAL A 711 29.06 -31.27 -26.09
N ASP A 712 30.25 -31.35 -26.68
CA ASP A 712 30.39 -31.91 -28.04
C ASP A 712 29.91 -33.36 -28.14
N ALA A 713 30.22 -34.16 -27.11
CA ALA A 713 29.98 -35.60 -27.17
C ALA A 713 28.65 -36.02 -26.51
N LEU A 714 27.78 -35.06 -26.20
CA LEU A 714 26.48 -35.40 -25.59
C LEU A 714 25.61 -36.23 -26.54
N THR A 715 24.95 -37.25 -25.98
CA THR A 715 23.89 -38.01 -26.64
C THR A 715 22.69 -37.12 -26.95
N GLU A 716 21.86 -37.52 -27.92
CA GLU A 716 20.64 -36.79 -28.23
C GLU A 716 19.76 -36.54 -27.01
N ASN A 717 19.56 -37.58 -26.20
CA ASN A 717 18.76 -37.43 -24.99
C ASN A 717 19.40 -36.43 -24.06
N GLN A 718 20.68 -36.63 -23.79
CA GLN A 718 21.44 -35.68 -23.05
C GLN A 718 21.25 -34.22 -23.54
N LYS A 719 21.36 -34.00 -24.87
CA LYS A 719 21.12 -32.70 -25.51
C LYS A 719 19.73 -32.15 -25.25
N ALA A 720 18.68 -32.98 -25.41
CA ALA A 720 17.29 -32.53 -25.06
C ALA A 720 17.11 -32.17 -23.57
N LEU A 721 17.65 -33.01 -22.70
CA LEU A 721 17.62 -32.75 -21.26
C LEU A 721 18.34 -31.46 -20.86
N ARG A 722 19.50 -31.19 -21.46
CA ARG A 722 20.25 -29.99 -21.15
C ARG A 722 19.48 -28.80 -21.67
N ARG A 723 18.91 -28.93 -22.88
CA ARG A 723 18.03 -27.91 -23.41
C ARG A 723 16.96 -27.47 -22.39
N ASP A 724 16.33 -28.43 -21.71
CA ASP A 724 15.28 -28.14 -20.74
C ASP A 724 15.88 -27.46 -19.51
N VAL A 725 17.11 -27.80 -19.12
CA VAL A 725 17.74 -27.08 -18.00
C VAL A 725 17.81 -25.59 -18.35
N HIS A 726 18.26 -25.29 -19.56
CA HIS A 726 18.57 -23.92 -19.95
C HIS A 726 17.35 -23.12 -20.27
N LYS A 727 16.39 -23.70 -20.97
CA LYS A 727 15.07 -23.04 -21.13
C LYS A 727 14.44 -22.70 -19.78
N THR A 728 14.55 -23.63 -18.83
CA THR A 728 14.02 -23.42 -17.50
C THR A 728 14.71 -22.19 -16.83
N ILE A 729 16.04 -22.14 -16.92
CA ILE A 729 16.82 -20.95 -16.44
C ILE A 729 16.29 -19.66 -17.07
N ALA A 730 15.98 -19.69 -18.37
CA ALA A 730 15.52 -18.49 -19.10
C ALA A 730 14.14 -18.12 -18.61
N LYS A 731 13.25 -19.10 -18.41
CA LYS A 731 11.90 -18.76 -17.97
C LYS A 731 11.89 -18.22 -16.55
N VAL A 732 12.61 -18.88 -15.63
CA VAL A 732 12.59 -18.52 -14.19
C VAL A 732 13.17 -17.14 -14.08
N THR A 733 14.23 -16.85 -14.81
CA THR A 733 14.75 -15.47 -14.87
C THR A 733 13.74 -14.39 -15.25
N ASP A 734 13.04 -14.63 -16.35
CA ASP A 734 12.04 -13.70 -16.86
C ASP A 734 10.81 -13.58 -15.89
N ASP A 735 10.36 -14.72 -15.33
CA ASP A 735 9.32 -14.72 -14.32
C ASP A 735 9.69 -13.95 -13.05
N ILE A 736 10.91 -14.11 -12.53
CA ILE A 736 11.26 -13.42 -11.29
C ILE A 736 11.63 -11.98 -11.54
N GLY A 737 12.32 -11.72 -12.65
CA GLY A 737 13.01 -10.44 -12.86
C GLY A 737 12.19 -9.35 -13.54
N ARG A 738 11.33 -9.73 -14.47
CA ARG A 738 10.54 -8.82 -15.25
C ARG A 738 9.07 -9.00 -14.91
N ARG A 739 8.53 -10.21 -15.02
CA ARG A 739 7.07 -10.42 -14.82
C ARG A 739 6.65 -10.43 -13.36
N GLN A 740 7.60 -10.73 -12.49
CA GLN A 740 7.32 -10.93 -11.08
C GLN A 740 6.19 -11.97 -10.77
N THR A 741 6.13 -13.03 -11.57
CA THR A 741 5.17 -14.10 -11.42
C THR A 741 5.92 -15.25 -10.72
N PHE A 742 6.03 -15.10 -9.41
CA PHE A 742 6.79 -16.03 -8.56
C PHE A 742 6.23 -17.43 -8.57
N ASN A 743 4.91 -17.55 -8.67
CA ASN A 743 4.27 -18.86 -8.61
C ASN A 743 4.61 -19.71 -9.84
N THR A 744 4.66 -19.07 -11.01
CA THR A 744 5.00 -19.81 -12.24
C THR A 744 6.51 -20.02 -12.27
N ALA A 745 7.30 -19.20 -11.57
CA ALA A 745 8.76 -19.42 -11.58
C ALA A 745 9.03 -20.76 -10.84
N ILE A 746 8.33 -20.92 -9.74
CA ILE A 746 8.43 -22.15 -8.96
C ILE A 746 7.92 -23.39 -9.67
N ALA A 747 6.75 -23.28 -10.30
CA ALA A 747 6.20 -24.35 -11.10
C ALA A 747 7.16 -24.79 -12.18
N ALA A 748 7.86 -23.83 -12.77
CA ALA A 748 8.87 -24.10 -13.78
C ALA A 748 10.04 -24.94 -13.21
N ILE A 749 10.48 -24.62 -11.98
CA ILE A 749 11.50 -25.41 -11.28
C ILE A 749 10.97 -26.83 -10.97
N MET A 750 9.77 -26.92 -10.47
CA MET A 750 9.17 -28.20 -10.17
C MET A 750 9.08 -29.10 -11.41
N GLU A 751 8.70 -28.56 -12.56
CA GLU A 751 8.57 -29.35 -13.80
C GLU A 751 9.93 -29.86 -14.24
N LEU A 752 10.99 -29.08 -14.04
CA LEU A 752 12.32 -29.54 -14.38
C LEU A 752 12.81 -30.67 -13.46
N MET A 753 12.60 -30.48 -12.14
CA MET A 753 12.89 -31.53 -11.16
C MET A 753 12.23 -32.85 -11.52
N ASN A 754 10.98 -32.81 -11.96
CA ASN A 754 10.27 -34.03 -12.34
C ASN A 754 11.01 -34.84 -13.42
N LYS A 755 11.64 -34.13 -14.36
CA LYS A 755 12.52 -34.73 -15.37
C LYS A 755 13.85 -35.20 -14.80
N LEU A 756 14.45 -34.33 -13.99
CA LEU A 756 15.73 -34.62 -13.37
C LEU A 756 15.62 -35.89 -12.53
N ALA A 757 14.46 -36.13 -11.88
CA ALA A 757 14.25 -37.31 -11.03
C ALA A 757 14.22 -38.56 -11.87
N LYS A 758 13.99 -38.41 -13.18
CA LYS A 758 13.93 -39.54 -14.11
C LYS A 758 15.22 -39.79 -14.88
N ALA A 759 16.07 -38.79 -15.07
CA ALA A 759 17.32 -38.96 -15.83
C ALA A 759 18.23 -40.05 -15.28
N PRO A 760 18.84 -40.87 -16.17
CA PRO A 760 19.79 -41.83 -15.63
C PRO A 760 21.03 -41.09 -15.16
N THR A 761 21.73 -41.63 -14.17
CA THR A 761 22.96 -41.02 -13.63
C THR A 761 24.10 -42.02 -13.34
N ASP A 762 24.35 -42.93 -14.28
CA ASP A 762 25.47 -43.90 -14.16
C ASP A 762 26.70 -43.50 -14.97
N GLY A 763 26.52 -43.15 -16.23
CA GLY A 763 27.64 -42.73 -17.10
C GLY A 763 28.25 -41.40 -16.67
N GLU A 764 29.55 -41.26 -16.90
CA GLU A 764 30.26 -40.05 -16.47
C GLU A 764 29.59 -38.75 -16.93
N GLN A 765 29.08 -38.78 -18.16
CA GLN A 765 28.43 -37.61 -18.76
C GLN A 765 27.08 -37.38 -18.13
N ASP A 766 26.30 -38.45 -17.98
CA ASP A 766 25.01 -38.28 -17.34
C ASP A 766 25.19 -37.55 -16.02
N ARG A 767 26.15 -37.98 -15.21
CA ARG A 767 26.42 -37.36 -13.92
C ARG A 767 26.96 -35.92 -14.03
N ALA A 768 27.89 -35.67 -14.95
CA ALA A 768 28.33 -34.28 -15.21
C ALA A 768 27.16 -33.36 -15.54
N LEU A 769 26.26 -33.83 -16.39
CA LEU A 769 25.03 -33.07 -16.68
C LEU A 769 24.14 -32.82 -15.43
N MET A 770 24.00 -33.81 -14.57
CA MET A 770 23.16 -33.64 -13.37
C MET A 770 23.79 -32.60 -12.46
N GLN A 771 25.13 -32.62 -12.41
CA GLN A 771 25.85 -31.64 -11.66
C GLN A 771 25.47 -30.24 -12.16
N GLU A 772 25.48 -30.04 -13.48
CA GLU A 772 25.15 -28.72 -14.02
C GLU A 772 23.70 -28.38 -13.75
N ALA A 773 22.80 -29.36 -13.88
CA ALA A 773 21.38 -29.17 -13.53
C ALA A 773 21.14 -28.77 -12.05
N LEU A 774 21.75 -29.50 -11.13
CA LEU A 774 21.50 -29.31 -9.71
C LEU A 774 22.08 -28.03 -9.17
N LEU A 775 23.33 -27.69 -9.55
CA LEU A 775 23.89 -26.35 -9.33
C LEU A 775 22.98 -25.21 -9.86
N ALA A 776 22.32 -25.45 -10.98
CA ALA A 776 21.34 -24.54 -11.53
C ALA A 776 20.04 -24.48 -10.65
N VAL A 777 19.40 -25.64 -10.44
CA VAL A 777 18.20 -25.70 -9.56
C VAL A 777 18.42 -25.06 -8.18
N VAL A 778 19.56 -25.32 -7.56
CA VAL A 778 19.78 -24.94 -6.15
C VAL A 778 19.85 -23.41 -6.06
N ARG A 779 20.53 -22.81 -7.04
CA ARG A 779 20.54 -21.39 -7.24
C ARG A 779 19.18 -20.81 -7.62
N MET A 780 18.45 -21.42 -8.54
CA MET A 780 17.09 -20.89 -8.84
C MET A 780 16.12 -20.85 -7.65
N LEU A 781 16.25 -21.80 -6.75
CA LEU A 781 15.36 -22.00 -5.64
C LEU A 781 15.81 -21.10 -4.47
N ASN A 782 17.08 -20.70 -4.49
CA ASN A 782 17.68 -20.00 -3.34
C ASN A 782 16.97 -18.72 -2.85
N PRO A 783 16.50 -17.85 -3.76
CA PRO A 783 15.74 -16.68 -3.22
C PRO A 783 14.52 -17.08 -2.38
N PHE A 784 13.89 -18.19 -2.72
CA PHE A 784 12.72 -18.72 -1.99
C PHE A 784 13.08 -19.51 -0.76
N THR A 785 14.05 -20.41 -0.88
CA THR A 785 14.36 -21.37 0.20
C THR A 785 15.86 -21.36 0.48
N PRO A 786 16.35 -20.28 1.06
CA PRO A 786 17.77 -20.08 1.12
C PRO A 786 18.53 -20.96 2.13
N HIS A 787 17.89 -21.47 3.15
CA HIS A 787 18.60 -22.31 4.14
C HIS A 787 19.00 -23.63 3.55
N ILE A 788 18.04 -24.38 3.03
CA ILE A 788 18.33 -25.63 2.36
C ILE A 788 19.31 -25.41 1.18
N CYS A 789 19.13 -24.31 0.45
CA CYS A 789 19.93 -24.07 -0.75
C CYS A 789 21.37 -23.70 -0.43
N PHE A 790 21.56 -22.95 0.67
CA PHE A 790 22.91 -22.69 1.20
C PHE A 790 23.64 -24.00 1.50
N THR A 791 22.93 -24.95 2.08
CA THR A 791 23.53 -26.19 2.51
C THR A 791 23.82 -27.13 1.32
N LEU A 792 22.83 -27.27 0.44
CA LEU A 792 22.98 -28.06 -0.78
C LEU A 792 24.08 -27.58 -1.74
N TRP A 793 24.32 -26.28 -1.79
CA TRP A 793 25.39 -25.71 -2.60
C TRP A 793 26.74 -26.25 -2.13
N GLN A 794 26.92 -26.32 -0.80
CA GLN A 794 28.13 -26.90 -0.21
C GLN A 794 28.20 -28.36 -0.52
N GLU A 795 27.11 -29.09 -0.31
CA GLU A 795 27.12 -30.52 -0.69
C GLU A 795 27.53 -30.71 -2.17
N LEU A 796 27.06 -29.84 -3.07
CA LEU A 796 27.40 -29.95 -4.49
C LEU A 796 28.82 -29.39 -4.83
N LYS A 797 29.51 -28.85 -3.81
CA LYS A 797 30.82 -28.25 -3.94
C LYS A 797 30.79 -27.05 -4.89
N GLY A 798 29.74 -26.26 -4.80
CA GLY A 798 29.70 -24.98 -5.48
C GLY A 798 30.75 -24.08 -4.86
N GLU A 799 31.22 -23.10 -5.62
CA GLU A 799 32.23 -22.22 -5.11
C GLU A 799 31.65 -21.12 -4.18
N GLY A 800 32.25 -20.91 -3.00
CA GLY A 800 31.89 -19.82 -2.08
C GLY A 800 30.50 -19.97 -1.47
N ASP A 801 29.97 -18.95 -0.82
CA ASP A 801 28.62 -19.04 -0.25
C ASP A 801 27.59 -18.75 -1.37
N ILE A 802 26.51 -19.52 -1.39
CA ILE A 802 25.48 -19.35 -2.42
C ILE A 802 24.99 -17.89 -2.54
N ASP A 803 25.02 -17.13 -1.44
CA ASP A 803 24.47 -15.79 -1.44
C ASP A 803 25.18 -14.83 -2.39
N ASN A 804 26.48 -15.03 -2.60
CA ASN A 804 27.23 -14.27 -3.61
C ASN A 804 27.62 -15.08 -4.85
N ALA A 805 26.97 -16.19 -5.07
CA ALA A 805 27.18 -16.93 -6.32
C ALA A 805 26.42 -16.25 -7.45
N PRO A 806 26.89 -16.44 -8.68
CA PRO A 806 26.20 -15.77 -9.77
C PRO A 806 24.87 -16.43 -10.11
N TRP A 807 23.82 -15.63 -10.35
CA TRP A 807 22.55 -16.17 -10.89
C TRP A 807 22.85 -16.92 -12.16
N PRO A 808 22.22 -18.11 -12.39
CA PRO A 808 22.56 -18.81 -13.64
C PRO A 808 22.08 -18.09 -14.92
N VAL A 809 22.91 -18.15 -15.94
CA VAL A 809 22.65 -17.58 -17.25
C VAL A 809 22.49 -18.76 -18.21
N ALA A 810 21.47 -18.68 -19.04
CA ALA A 810 21.15 -19.70 -20.03
C ALA A 810 22.20 -19.67 -21.11
N ASP A 811 22.59 -20.84 -21.59
CA ASP A 811 23.57 -20.98 -22.63
C ASP A 811 22.82 -21.09 -23.95
N GLU A 812 23.09 -20.14 -24.84
CA GLU A 812 22.33 -19.95 -26.07
C GLU A 812 22.57 -21.11 -27.02
N LYS A 813 23.81 -21.59 -27.06
CA LYS A 813 24.17 -22.81 -27.77
C LYS A 813 23.30 -23.98 -27.29
N ALA A 814 23.13 -24.13 -25.98
CA ALA A 814 22.33 -25.26 -25.44
C ALA A 814 20.86 -25.24 -25.84
N MET A 815 20.34 -24.13 -26.35
CA MET A 815 18.89 -23.97 -26.54
C MET A 815 18.42 -23.94 -27.99
N VAL A 816 19.35 -24.03 -28.93
CA VAL A 816 18.99 -24.07 -30.34
C VAL A 816 18.22 -25.35 -30.62
N GLU A 817 17.09 -25.23 -31.30
CA GLU A 817 16.27 -26.37 -31.68
C GLU A 817 16.66 -26.74 -33.10
N ASP A 818 16.72 -28.04 -33.40
CA ASP A 818 16.98 -28.50 -34.76
C ASP A 818 15.68 -28.39 -35.58
N SER A 819 14.56 -28.57 -34.87
CA SER A 819 13.23 -28.68 -35.47
C SER A 819 12.19 -27.96 -34.59
N THR A 820 11.00 -27.75 -35.12
CA THR A 820 9.87 -27.15 -34.39
C THR A 820 8.61 -27.92 -34.80
N LEU A 821 7.57 -27.85 -33.96
CA LEU A 821 6.30 -28.55 -34.24
C LEU A 821 5.27 -27.53 -34.74
N VAL A 822 4.49 -27.94 -35.74
CA VAL A 822 3.44 -27.10 -36.34
C VAL A 822 2.08 -27.83 -36.20
N VAL A 823 1.08 -27.13 -35.66
CA VAL A 823 -0.29 -27.67 -35.65
C VAL A 823 -0.96 -27.36 -36.99
N VAL A 824 -1.49 -28.38 -37.65
CA VAL A 824 -2.24 -28.19 -38.88
C VAL A 824 -3.72 -28.21 -38.54
N GLN A 825 -4.40 -27.12 -38.82
CA GLN A 825 -5.84 -27.05 -38.63
C GLN A 825 -6.55 -26.96 -39.96
N VAL A 826 -7.74 -27.54 -40.04
CA VAL A 826 -8.66 -27.19 -41.10
C VAL A 826 -9.77 -26.40 -40.42
N ASN A 827 -10.01 -25.20 -40.93
CA ASN A 827 -11.08 -24.36 -40.43
C ASN A 827 -11.12 -24.35 -38.90
N GLY A 828 -10.00 -23.94 -38.29
CA GLY A 828 -9.91 -23.77 -36.83
C GLY A 828 -9.62 -25.01 -36.01
N LYS A 829 -10.32 -26.11 -36.30
CA LYS A 829 -10.16 -27.35 -35.54
C LYS A 829 -8.94 -28.16 -35.96
N VAL A 830 -8.14 -28.52 -34.95
CA VAL A 830 -6.87 -29.21 -35.17
C VAL A 830 -7.06 -30.60 -35.76
N ARG A 831 -6.43 -30.85 -36.90
CA ARG A 831 -6.53 -32.15 -37.59
C ARG A 831 -5.17 -32.90 -37.67
N ALA A 832 -4.06 -32.22 -37.41
CA ALA A 832 -2.74 -32.90 -37.41
C ALA A 832 -1.67 -32.14 -36.63
N LYS A 833 -0.56 -32.86 -36.36
CA LYS A 833 0.66 -32.30 -35.78
C LYS A 833 1.90 -32.86 -36.49
N ILE A 834 2.82 -31.97 -36.89
CA ILE A 834 3.98 -32.36 -37.72
C ILE A 834 5.29 -31.65 -37.27
N THR A 835 6.43 -32.35 -37.37
CA THR A 835 7.73 -31.77 -37.00
C THR A 835 8.52 -31.35 -38.24
N VAL A 836 9.02 -30.12 -38.25
CA VAL A 836 9.65 -29.48 -39.42
C VAL A 836 10.98 -28.78 -39.04
N PRO A 837 11.96 -28.68 -39.97
CA PRO A 837 13.19 -27.96 -39.53
C PRO A 837 12.90 -26.51 -39.08
N VAL A 838 13.66 -26.02 -38.09
CA VAL A 838 13.49 -24.64 -37.63
C VAL A 838 13.88 -23.59 -38.69
N ASP A 839 14.12 -24.04 -39.93
CA ASP A 839 14.47 -23.18 -41.08
C ASP A 839 13.65 -23.44 -42.35
N ALA A 840 12.63 -24.31 -42.29
CA ALA A 840 11.85 -24.63 -43.49
C ALA A 840 11.04 -23.43 -43.94
N THR A 841 10.85 -23.34 -45.26
CA THR A 841 10.06 -22.27 -45.89
C THR A 841 8.58 -22.63 -45.82
N GLU A 842 7.70 -21.66 -46.09
CA GLU A 842 6.25 -21.90 -46.06
C GLU A 842 5.92 -23.12 -46.85
N GLU A 843 6.37 -23.09 -48.10
CA GLU A 843 5.94 -24.04 -49.11
C GLU A 843 6.46 -25.40 -48.77
N GLN A 844 7.70 -25.47 -48.28
CA GLN A 844 8.24 -26.66 -47.66
C GLN A 844 7.35 -27.15 -46.52
N VAL A 845 6.94 -26.23 -45.65
CA VAL A 845 6.06 -26.59 -44.52
C VAL A 845 4.69 -27.07 -44.98
N ARG A 846 4.18 -26.43 -46.04
CA ARG A 846 2.84 -26.73 -46.50
C ARG A 846 2.80 -28.04 -47.33
N GLU A 847 3.97 -28.41 -47.85
CA GLU A 847 4.15 -29.64 -48.57
C GLU A 847 4.18 -30.82 -47.58
N ARG A 848 5.00 -30.73 -46.52
CA ARG A 848 5.00 -31.78 -45.46
C ARG A 848 3.58 -31.90 -44.90
N ALA A 849 2.89 -30.75 -44.83
CA ALA A 849 1.48 -30.70 -44.45
C ALA A 849 0.65 -31.60 -45.36
N GLY A 850 0.75 -31.35 -46.67
CA GLY A 850 -0.06 -32.05 -47.66
C GLY A 850 0.06 -33.55 -47.61
N GLN A 851 1.26 -34.05 -47.32
CA GLN A 851 1.57 -35.49 -47.28
C GLN A 851 0.80 -36.29 -46.21
N GLU A 852 0.40 -35.62 -45.12
CA GLU A 852 -0.38 -36.20 -44.02
C GLU A 852 -1.74 -36.76 -44.50
N HIS A 853 -2.03 -38.03 -44.22
CA HIS A 853 -3.25 -38.69 -44.73
C HIS A 853 -4.51 -38.01 -44.27
N LEU A 854 -4.59 -37.63 -43.01
CA LEU A 854 -5.77 -36.88 -42.51
C LEU A 854 -5.90 -35.52 -43.22
N VAL A 855 -4.84 -34.70 -43.18
CA VAL A 855 -4.71 -33.55 -44.07
C VAL A 855 -4.64 -34.03 -45.53
N VAL A 867 -5.35 -19.49 -47.02
CA VAL A 867 -4.30 -20.17 -46.26
C VAL A 867 -3.65 -19.22 -45.26
N ILE A 868 -3.52 -19.68 -44.02
CA ILE A 868 -2.93 -18.87 -42.95
C ILE A 868 -1.76 -19.63 -42.35
N TYR A 869 -0.66 -18.92 -42.09
CA TYR A 869 0.57 -19.57 -41.62
C TYR A 869 1.39 -18.71 -40.64
N VAL A 870 1.46 -19.13 -39.37
CA VAL A 870 2.38 -18.52 -38.40
C VAL A 870 3.65 -19.35 -38.40
N PRO A 871 4.81 -18.72 -38.70
CA PRO A 871 6.03 -19.51 -38.77
C PRO A 871 6.30 -20.25 -37.47
N GLY A 872 6.54 -21.54 -37.56
CA GLY A 872 6.97 -22.34 -36.40
C GLY A 872 5.87 -22.79 -35.44
N LYS A 873 4.62 -22.45 -35.77
CA LYS A 873 3.49 -22.62 -34.85
C LYS A 873 2.29 -23.31 -35.51
N LEU A 874 1.81 -22.74 -36.63
CA LEU A 874 0.47 -23.06 -37.14
C LEU A 874 0.24 -22.90 -38.66
N LEU A 875 -0.38 -23.92 -39.26
CA LEU A 875 -0.97 -23.83 -40.59
C LEU A 875 -2.48 -24.04 -40.41
N ASN A 876 -3.27 -23.07 -40.87
CA ASN A 876 -4.74 -23.21 -40.94
C ASN A 876 -5.23 -22.93 -42.35
N LEU A 877 -6.03 -23.86 -42.85
CA LEU A 877 -6.51 -23.85 -44.22
C LEU A 877 -8.03 -23.77 -44.20
#